data_3TAZ
#
_entry.id   3TAZ
#
_cell.length_a   65.158
_cell.length_b   114.847
_cell.length_c   123.414
_cell.angle_alpha   90.00
_cell.angle_beta   90.00
_cell.angle_gamma   90.00
#
_symmetry.space_group_name_H-M   'P 21 21 21'
#
loop_
_entity.id
_entity.type
_entity.pdbx_description
1 polymer 'DNA double-strand break repair protein nurA'
2 non-polymer 'MANGANESE (II) ION'
3 non-polymer GLYCEROL
4 non-polymer "2'-DEOXYADENOSINE-5'-MONOPHOSPHATE"
5 water water
#
_entity_poly.entity_id   1
_entity_poly.type   'polypeptide(L)'
_entity_poly.pdbx_seq_one_letter_code
;MGSSHHHHHHSSGLVPRGSHMRLLSKQSIERITKILLDELENVRENEQIRNIINSWKPLPSPEKSSIYAVDGSRSVSRLS
GTVIYFLSALAVGSGKQLRLSYANAIKSNYGTSDQIVRMQMETLENMLGYLAYRKLEGEKRAILMDGTLTGSLVRPPVYP
EDIRSLNVMRALIGESDFENLLNEFLEKLRDHYRKVEEHLEKNGNYDSPILTDNVVEKLRKKYIDTKVIAYGSGKVKVKI
PRKALGYSPRVIPIEVLESSRGKSVDELLQELDEEKVELYLGKDDIYDALHMTLSYIEYLYSIDKLLEVKNLAYIAKSFY
TKTLARTLGVEIVDTALLDAVIRTLIGHEKEGYLEIEHAVVPPKWSFPDFLLSKFRNIEKLIDKGIHLAYVRFEQGDVIY
MLQSTTNIEKILPLILHHKAGGYLRPLQLAHHGVKISYKEARHTLEALINALRNRDPALKIFVKYGRSPLE
;
_entity_poly.pdbx_strand_id   A,B
#
# COMPACT_ATOMS: atom_id res chain seq x y z
N LEU A 23 12.74 9.03 -25.40
CA LEU A 23 12.60 10.47 -25.19
C LEU A 23 13.36 10.86 -23.92
N LEU A 24 13.58 12.17 -23.74
CA LEU A 24 13.59 12.79 -22.40
C LEU A 24 13.83 14.30 -22.39
N SER A 25 13.38 14.95 -21.32
CA SER A 25 13.38 16.39 -21.28
C SER A 25 14.81 16.91 -21.21
N LYS A 26 15.68 16.09 -20.60
CA LYS A 26 17.09 16.43 -20.42
C LYS A 26 17.20 17.62 -19.46
N GLN A 27 16.09 18.32 -19.29
CA GLN A 27 15.92 19.19 -18.16
C GLN A 27 15.46 18.33 -17.00
N SER A 28 14.56 17.39 -17.29
CA SER A 28 14.15 16.39 -16.31
C SER A 28 15.38 15.54 -15.92
N ILE A 29 16.15 15.15 -16.92
CA ILE A 29 17.40 14.42 -16.72
C ILE A 29 18.38 15.19 -15.85
N GLU A 30 18.54 16.47 -16.17
CA GLU A 30 19.30 17.33 -15.28
C GLU A 30 18.69 17.35 -13.89
N ARG A 31 17.40 17.68 -13.80
CA ARG A 31 16.67 17.63 -12.54
C ARG A 31 16.92 16.31 -11.78
N ILE A 32 17.02 15.22 -12.53
CA ILE A 32 17.24 13.90 -11.96
C ILE A 32 18.67 13.69 -11.44
N THR A 33 19.65 13.81 -12.34
CA THR A 33 21.06 13.79 -11.98
C THR A 33 21.29 14.69 -10.76
N LYS A 34 20.78 15.92 -10.86
CA LYS A 34 20.79 16.96 -9.80
C LYS A 34 20.38 16.46 -8.43
N ILE A 35 19.16 15.96 -8.40
CA ILE A 35 18.53 15.44 -7.21
C ILE A 35 19.40 14.39 -6.59
N LEU A 36 20.04 13.60 -7.44
CA LEU A 36 20.88 12.50 -6.98
C LEU A 36 22.17 13.03 -6.42
N LEU A 37 22.79 13.94 -7.14
CA LEU A 37 24.09 14.43 -6.72
C LEU A 37 24.05 15.11 -5.34
N ASP A 38 23.02 15.91 -5.09
CA ASP A 38 22.86 16.49 -3.76
C ASP A 38 23.01 15.39 -2.71
N GLU A 39 22.37 14.25 -2.97
CA GLU A 39 22.48 13.09 -2.10
C GLU A 39 23.93 12.74 -1.75
N LEU A 40 24.76 12.61 -2.77
CA LEU A 40 26.14 12.23 -2.59
C LEU A 40 26.90 13.26 -1.80
N GLU A 41 26.79 14.52 -2.22
CA GLU A 41 27.58 15.59 -1.62
C GLU A 41 27.18 15.84 -0.20
N ASN A 42 25.88 15.87 0.03
CA ASN A 42 25.36 15.95 1.38
C ASN A 42 25.82 14.74 2.20
N VAL A 43 26.03 13.60 1.54
CA VAL A 43 26.63 12.44 2.18
C VAL A 43 28.13 12.66 2.36
N ARG A 44 28.78 13.25 1.36
CA ARG A 44 30.19 13.59 1.41
C ARG A 44 30.43 14.76 2.36
N GLU A 45 29.34 15.28 2.93
CA GLU A 45 29.43 16.26 4.00
C GLU A 45 30.08 15.60 5.20
N ASN A 46 30.01 14.26 5.23
CA ASN A 46 30.79 13.48 6.17
C ASN A 46 30.57 13.88 7.61
N GLU A 47 29.38 13.58 8.11
CA GLU A 47 29.06 13.83 9.50
C GLU A 47 29.61 12.69 10.36
N GLN A 48 28.94 11.55 10.26
CA GLN A 48 29.47 10.36 10.88
C GLN A 48 30.34 9.62 9.87
N ILE A 49 30.25 10.04 8.61
CA ILE A 49 31.02 9.37 7.56
C ILE A 49 32.51 9.71 7.58
N ARG A 50 32.84 10.95 7.92
CA ARG A 50 34.23 11.37 7.86
C ARG A 50 35.16 10.38 8.58
N ASN A 51 34.85 10.08 9.84
CA ASN A 51 35.71 9.21 10.63
C ASN A 51 35.26 7.75 10.60
N ILE A 52 34.22 7.46 9.83
CA ILE A 52 33.77 6.09 9.67
C ILE A 52 34.60 5.29 8.66
N ILE A 53 34.85 5.89 7.50
CA ILE A 53 35.30 5.15 6.32
C ILE A 53 36.65 4.46 6.47
N ASN A 54 37.53 5.07 7.25
CA ASN A 54 38.89 4.55 7.43
C ASN A 54 38.92 3.49 8.53
N SER A 55 37.74 3.19 9.07
CA SER A 55 37.54 2.06 9.98
C SER A 55 37.22 0.82 9.16
N TRP A 56 37.36 0.95 7.83
CA TRP A 56 37.01 -0.12 6.90
C TRP A 56 38.01 -1.24 7.04
N LYS A 57 37.51 -2.43 7.42
CA LYS A 57 38.33 -3.61 7.61
C LYS A 57 38.34 -4.51 6.37
N PRO A 58 39.42 -5.31 6.21
CA PRO A 58 39.53 -6.32 5.14
C PRO A 58 38.77 -7.57 5.56
N LEU A 59 38.25 -8.33 4.61
CA LEU A 59 37.44 -9.49 4.96
C LEU A 59 38.27 -10.37 5.88
N PRO A 60 37.61 -11.05 6.85
CA PRO A 60 38.33 -12.08 7.60
C PRO A 60 38.56 -13.35 6.76
N SER A 61 39.23 -14.32 7.34
CA SER A 61 39.41 -15.60 6.68
C SER A 61 38.06 -16.31 6.71
N PRO A 62 37.74 -17.06 5.65
CA PRO A 62 36.57 -17.95 5.66
C PRO A 62 36.69 -18.99 6.79
N GLU A 63 35.56 -19.48 7.28
CA GLU A 63 35.53 -20.66 8.12
C GLU A 63 34.58 -21.68 7.47
N LYS A 64 34.82 -22.96 7.73
CA LYS A 64 33.94 -24.00 7.21
C LYS A 64 32.55 -23.89 7.85
N SER A 65 31.50 -23.95 7.04
CA SER A 65 30.14 -23.80 7.55
C SER A 65 29.16 -24.52 6.64
N SER A 66 28.08 -25.05 7.21
CA SER A 66 26.98 -25.61 6.43
C SER A 66 25.87 -24.59 6.36
N ILE A 67 25.33 -24.34 5.18
CA ILE A 67 24.49 -23.17 5.01
C ILE A 67 23.32 -23.37 4.08
N TYR A 68 22.21 -22.72 4.41
CA TYR A 68 21.03 -22.67 3.55
C TYR A 68 20.67 -21.21 3.30
N ALA A 69 20.80 -20.76 2.06
CA ALA A 69 20.32 -19.44 1.69
C ALA A 69 18.89 -19.61 1.28
N VAL A 70 18.00 -18.76 1.77
CA VAL A 70 16.60 -18.84 1.34
C VAL A 70 16.05 -17.50 0.79
N ASP A 71 15.18 -17.60 -0.22
CA ASP A 71 14.46 -16.46 -0.78
C ASP A 71 13.03 -16.88 -1.17
N GLY A 72 12.20 -15.91 -1.48
CA GLY A 72 10.85 -16.21 -1.92
C GLY A 72 10.40 -15.17 -2.93
N SER A 73 9.41 -15.55 -3.74
CA SER A 73 8.89 -14.66 -4.76
C SER A 73 7.41 -14.83 -4.71
N ARG A 74 6.68 -13.83 -5.20
CA ARG A 74 5.23 -13.92 -5.17
C ARG A 74 4.65 -13.34 -6.44
N SER A 75 3.59 -13.99 -6.95
CA SER A 75 2.80 -13.47 -8.06
C SER A 75 1.38 -13.13 -7.62
N VAL A 76 0.87 -11.99 -8.06
CA VAL A 76 -0.52 -11.66 -7.78
C VAL A 76 -1.22 -11.13 -9.03
N SER A 77 -2.53 -11.35 -9.06
CA SER A 77 -3.39 -10.98 -10.18
C SER A 77 -4.74 -10.65 -9.57
N ARG A 78 -5.48 -9.74 -10.16
CA ARG A 78 -6.76 -9.31 -9.59
C ARG A 78 -7.95 -9.81 -10.42
N LEU A 79 -9.00 -10.27 -9.74
CA LEU A 79 -10.32 -10.51 -10.36
C LEU A 79 -11.35 -9.66 -9.65
N SER A 80 -11.88 -8.66 -10.36
CA SER A 80 -12.69 -7.65 -9.70
C SER A 80 -12.00 -7.26 -8.39
N GLY A 81 -12.77 -7.25 -7.31
CA GLY A 81 -12.27 -6.87 -5.99
C GLY A 81 -11.69 -8.07 -5.27
N THR A 82 -11.23 -9.05 -6.03
CA THR A 82 -10.60 -10.22 -5.43
C THR A 82 -9.20 -10.47 -5.98
N VAL A 83 -8.25 -10.46 -5.06
CA VAL A 83 -6.85 -10.71 -5.37
C VAL A 83 -6.56 -12.20 -5.42
N ILE A 84 -5.96 -12.67 -6.51
CA ILE A 84 -5.36 -14.00 -6.48
C ILE A 84 -3.83 -13.93 -6.36
N TYR A 85 -3.24 -14.69 -5.44
CA TYR A 85 -1.79 -14.64 -5.23
C TYR A 85 -1.11 -16.02 -5.08
N PHE A 86 0.03 -16.21 -5.74
CA PHE A 86 0.80 -17.48 -5.62
C PHE A 86 2.20 -17.26 -5.01
N LEU A 87 2.44 -17.87 -3.86
CA LEU A 87 3.63 -17.62 -3.08
C LEU A 87 4.64 -18.76 -3.20
N SER A 88 5.91 -18.42 -3.38
CA SER A 88 6.96 -19.44 -3.36
C SER A 88 8.16 -19.02 -2.50
N ALA A 89 8.70 -19.98 -1.75
CA ALA A 89 9.95 -19.82 -1.03
C ALA A 89 10.86 -20.98 -1.38
N LEU A 90 12.14 -20.73 -1.35
CA LEU A 90 13.08 -21.72 -1.78
C LEU A 90 14.32 -21.67 -0.89
N ALA A 91 14.86 -22.84 -0.56
CA ALA A 91 16.07 -22.89 0.24
C ALA A 91 17.09 -23.73 -0.47
N VAL A 92 18.28 -23.19 -0.70
CA VAL A 92 19.31 -23.93 -1.42
C VAL A 92 20.61 -23.77 -0.68
N GLY A 93 21.39 -24.83 -0.67
CA GLY A 93 22.45 -24.86 0.29
C GLY A 93 23.14 -26.18 0.43
N SER A 94 23.58 -26.40 1.64
CA SER A 94 24.41 -27.51 2.05
C SER A 94 23.62 -28.81 2.21
N GLY A 95 22.41 -28.84 1.70
CA GLY A 95 21.58 -30.03 1.66
C GLY A 95 20.70 -29.88 0.45
N LYS A 96 19.71 -30.77 0.27
CA LYS A 96 18.87 -30.71 -0.93
C LYS A 96 17.87 -29.52 -0.97
N GLN A 97 17.18 -29.33 -2.09
CA GLN A 97 16.33 -28.15 -2.20
C GLN A 97 14.92 -28.26 -1.57
N LEU A 98 14.65 -27.41 -0.59
CA LEU A 98 13.37 -27.38 0.08
C LEU A 98 12.55 -26.21 -0.45
N ARG A 99 11.23 -26.39 -0.49
CA ARG A 99 10.34 -25.42 -1.15
C ARG A 99 8.93 -25.29 -0.52
N LEU A 100 8.42 -24.06 -0.46
CA LEU A 100 7.03 -23.84 -0.09
C LEU A 100 6.22 -23.06 -1.15
N SER A 101 4.92 -23.38 -1.21
CA SER A 101 4.02 -22.73 -2.12
C SER A 101 2.66 -22.67 -1.47
N TYR A 102 1.96 -21.59 -1.78
CA TYR A 102 0.63 -21.32 -1.28
C TYR A 102 -0.03 -20.56 -2.37
N ALA A 103 -1.31 -20.83 -2.59
CA ALA A 103 -2.09 -20.07 -3.57
C ALA A 103 -3.36 -19.74 -2.89
N ASN A 104 -3.90 -18.55 -3.16
CA ASN A 104 -5.13 -18.15 -2.49
C ASN A 104 -5.81 -16.92 -3.05
N ALA A 105 -6.94 -16.57 -2.45
CA ALA A 105 -7.58 -15.32 -2.77
C ALA A 105 -8.03 -14.56 -1.53
N ILE A 106 -7.93 -13.23 -1.58
CA ILE A 106 -8.52 -12.33 -0.59
C ILE A 106 -9.31 -11.24 -1.28
N LYS A 107 -10.27 -10.67 -0.55
CA LYS A 107 -11.06 -9.52 -1.01
C LYS A 107 -10.15 -8.32 -0.93
N SER A 108 -10.14 -7.52 -1.99
CA SER A 108 -9.17 -6.43 -2.13
C SER A 108 -9.47 -5.19 -1.31
N ASN A 109 -8.53 -4.84 -0.43
CA ASN A 109 -8.43 -3.49 0.11
C ASN A 109 -7.05 -3.04 -0.33
N TYR A 110 -6.95 -1.89 -1.00
CA TYR A 110 -5.73 -1.57 -1.73
C TYR A 110 -4.45 -1.80 -0.93
N GLY A 111 -4.39 -1.25 0.29
CA GLY A 111 -3.28 -1.52 1.21
C GLY A 111 -3.32 -2.91 1.83
N THR A 112 -4.43 -3.22 2.48
CA THR A 112 -4.57 -4.41 3.34
C THR A 112 -4.30 -5.75 2.65
N SER A 113 -4.91 -5.96 1.49
CA SER A 113 -4.68 -7.15 0.69
C SER A 113 -3.20 -7.34 0.37
N ASP A 114 -2.66 -6.43 -0.44
CA ASP A 114 -1.26 -6.48 -0.87
C ASP A 114 -0.30 -6.59 0.31
N GLN A 115 -0.74 -6.07 1.44
CA GLN A 115 0.05 -6.14 2.65
C GLN A 115 -0.06 -7.54 3.31
N ILE A 116 -1.24 -8.15 3.27
CA ILE A 116 -1.37 -9.50 3.85
C ILE A 116 -0.68 -10.62 3.05
N VAL A 117 -0.69 -10.52 1.72
CA VAL A 117 0.26 -11.32 0.90
C VAL A 117 1.69 -11.22 1.47
N ARG A 118 2.21 -10.00 1.44
CA ARG A 118 3.56 -9.71 1.89
C ARG A 118 3.84 -10.41 3.21
N MET A 119 2.89 -10.37 4.14
CA MET A 119 3.09 -10.97 5.45
C MET A 119 3.21 -12.50 5.31
N GLN A 120 2.27 -13.09 4.58
CA GLN A 120 2.34 -14.50 4.28
C GLN A 120 3.69 -14.88 3.62
N MET A 121 4.10 -14.13 2.61
CA MET A 121 5.37 -14.38 1.97
C MET A 121 6.55 -14.52 2.98
N GLU A 122 6.77 -13.49 3.78
CA GLU A 122 7.70 -13.55 4.88
C GLU A 122 7.45 -14.75 5.81
N THR A 123 6.20 -15.16 5.95
CA THR A 123 5.89 -16.29 6.79
C THR A 123 6.55 -17.56 6.20
N LEU A 124 6.46 -17.77 4.89
CA LEU A 124 7.12 -18.97 4.33
C LEU A 124 8.64 -18.89 4.42
N GLU A 125 9.20 -17.79 3.92
CA GLU A 125 10.63 -17.55 3.95
C GLU A 125 11.15 -17.83 5.37
N ASN A 126 10.41 -17.42 6.40
CA ASN A 126 10.89 -17.61 7.75
C ASN A 126 10.81 -19.06 8.13
N MET A 127 9.66 -19.67 7.92
CA MET A 127 9.50 -21.09 8.22
C MET A 127 10.60 -21.89 7.51
N LEU A 128 10.56 -21.79 6.19
CA LEU A 128 11.51 -22.46 5.31
C LEU A 128 12.93 -22.33 5.87
N GLY A 129 13.27 -21.14 6.38
CA GLY A 129 14.57 -20.90 6.97
C GLY A 129 14.78 -21.66 8.28
N TYR A 130 13.70 -21.74 9.05
CA TYR A 130 13.73 -22.45 10.33
C TYR A 130 13.85 -23.95 10.13
N LEU A 131 13.08 -24.48 9.19
CA LEU A 131 13.13 -25.91 8.90
C LEU A 131 14.42 -26.28 8.17
N ALA A 132 14.84 -25.45 7.24
CA ALA A 132 16.10 -25.72 6.58
C ALA A 132 17.26 -25.90 7.61
N TYR A 133 17.24 -25.14 8.69
CA TYR A 133 18.30 -25.21 9.71
C TYR A 133 18.32 -26.57 10.36
N ARG A 134 17.12 -27.08 10.62
CA ARG A 134 16.97 -28.29 11.40
C ARG A 134 17.42 -29.48 10.59
N LYS A 135 17.55 -29.32 9.28
CA LYS A 135 18.05 -30.41 8.43
C LYS A 135 19.58 -30.39 8.29
N LEU A 136 20.18 -29.31 8.78
CA LEU A 136 21.60 -29.02 8.60
C LEU A 136 22.58 -29.92 9.34
N GLU A 137 23.65 -30.31 8.63
CA GLU A 137 24.78 -31.06 9.18
C GLU A 137 26.07 -30.24 9.07
N GLY A 138 26.66 -29.87 10.19
CA GLY A 138 27.92 -29.17 10.17
C GLY A 138 28.33 -28.75 11.56
N GLU A 139 29.60 -28.43 11.75
CA GLU A 139 30.10 -27.94 13.03
C GLU A 139 29.62 -26.53 13.24
N LYS A 140 29.68 -25.76 12.15
CA LYS A 140 29.05 -24.46 12.13
C LYS A 140 27.87 -24.50 11.14
N ARG A 141 26.69 -24.15 11.64
CA ARG A 141 25.50 -24.09 10.80
C ARG A 141 25.01 -22.64 10.67
N ALA A 142 24.51 -22.25 9.48
CA ALA A 142 24.03 -20.89 9.22
C ALA A 142 22.88 -20.84 8.21
N ILE A 143 22.08 -19.81 8.32
CA ILE A 143 21.02 -19.55 7.34
C ILE A 143 21.27 -18.19 6.70
N LEU A 144 21.03 -18.12 5.40
CA LEU A 144 21.23 -16.89 4.65
C LEU A 144 19.90 -16.36 4.07
N MET A 145 19.40 -15.21 4.53
CA MET A 145 18.07 -14.72 4.09
C MET A 145 18.21 -13.52 3.14
N ASP A 146 17.19 -13.26 2.31
CA ASP A 146 17.36 -12.36 1.13
C ASP A 146 17.14 -10.85 1.33
N GLY A 147 17.03 -10.40 2.56
CA GLY A 147 16.37 -9.16 2.89
C GLY A 147 17.09 -8.52 4.04
N THR A 148 16.43 -7.61 4.75
CA THR A 148 16.98 -7.15 6.02
C THR A 148 16.12 -7.56 7.22
N LEU A 149 16.81 -7.73 8.34
CA LEU A 149 16.19 -7.96 9.63
C LEU A 149 15.45 -6.71 10.05
N THR A 150 16.11 -5.56 9.90
CA THR A 150 15.54 -4.29 10.33
C THR A 150 14.29 -3.92 9.55
N GLY A 151 14.39 -3.98 8.23
CA GLY A 151 13.30 -3.55 7.36
C GLY A 151 11.94 -4.12 7.73
N SER A 152 11.88 -5.42 8.01
CA SER A 152 10.59 -5.98 8.38
C SER A 152 10.12 -5.46 9.74
N LEU A 153 10.99 -5.36 10.72
CA LEU A 153 10.50 -5.08 12.07
C LEU A 153 10.56 -3.63 12.60
N VAL A 154 11.12 -2.72 11.81
CA VAL A 154 10.99 -1.28 12.10
C VAL A 154 9.67 -0.71 11.54
N ARG A 155 9.20 -1.32 10.47
CA ARG A 155 7.86 -1.04 9.93
C ARG A 155 7.17 -2.35 9.48
N PRO A 156 6.60 -3.09 10.44
CA PRO A 156 6.07 -4.43 10.14
C PRO A 156 5.08 -4.35 8.99
N PRO A 157 4.95 -5.43 8.19
CA PRO A 157 3.96 -5.39 7.12
C PRO A 157 2.54 -5.24 7.68
N VAL A 158 1.65 -4.62 6.91
CA VAL A 158 0.25 -4.50 7.31
C VAL A 158 0.09 -3.78 8.64
N TYR A 159 0.17 -2.46 8.60
CA TYR A 159 0.26 -1.67 9.81
C TYR A 159 0.10 -0.19 9.43
N PRO A 160 -0.49 0.61 10.33
CA PRO A 160 -0.94 0.30 11.70
C PRO A 160 -2.02 -0.78 11.81
N GLU A 161 -2.60 -1.19 10.68
CA GLU A 161 -3.75 -2.10 10.66
C GLU A 161 -3.62 -3.33 11.57
N ASP A 162 -2.45 -3.96 11.54
CA ASP A 162 -2.26 -5.17 12.33
C ASP A 162 -2.45 -4.94 13.85
N ILE A 163 -2.14 -3.74 14.34
CA ILE A 163 -2.32 -3.40 15.76
C ILE A 163 -3.77 -3.05 16.15
N ARG A 164 -4.44 -2.21 15.36
CA ARG A 164 -5.79 -1.78 15.68
C ARG A 164 -6.71 -2.99 15.73
N SER A 165 -6.55 -3.89 14.75
CA SER A 165 -7.26 -5.17 14.67
C SER A 165 -7.11 -6.06 15.91
N LEU A 166 -5.88 -6.29 16.35
CA LEU A 166 -5.68 -6.97 17.61
C LEU A 166 -6.49 -6.29 18.68
N ASN A 167 -6.29 -5.00 18.85
CA ASN A 167 -6.95 -4.35 19.97
C ASN A 167 -8.44 -4.45 19.82
N VAL A 168 -8.92 -4.41 18.57
CA VAL A 168 -10.34 -4.65 18.28
C VAL A 168 -10.85 -5.92 18.96
N MET A 169 -10.25 -7.05 18.58
CA MET A 169 -10.58 -8.34 19.18
C MET A 169 -10.38 -8.34 20.72
N ARG A 170 -9.23 -7.86 21.17
CA ARG A 170 -8.99 -7.80 22.61
C ARG A 170 -10.15 -7.16 23.34
N ALA A 171 -10.69 -6.09 22.77
CA ALA A 171 -11.85 -5.43 23.35
C ALA A 171 -13.14 -6.24 23.12
N LEU A 172 -13.37 -6.59 21.85
CA LEU A 172 -14.54 -7.32 21.37
C LEU A 172 -14.81 -8.65 22.07
N ILE A 173 -13.90 -9.60 21.91
CA ILE A 173 -14.05 -10.92 22.50
C ILE A 173 -13.57 -10.97 23.93
N GLY A 174 -12.91 -9.92 24.36
CA GLY A 174 -12.52 -9.79 25.75
C GLY A 174 -11.24 -10.54 26.05
N GLU A 175 -10.57 -10.10 27.12
CA GLU A 175 -9.25 -10.61 27.45
C GLU A 175 -9.10 -12.12 27.65
N SER A 176 -9.85 -12.69 28.59
CA SER A 176 -9.70 -14.10 28.95
C SER A 176 -9.94 -15.02 27.76
N ASP A 177 -11.04 -14.80 27.06
CA ASP A 177 -11.36 -15.64 25.93
C ASP A 177 -10.46 -15.34 24.74
N PHE A 178 -9.75 -14.22 24.83
CA PHE A 178 -8.71 -13.90 23.85
C PHE A 178 -7.45 -14.73 24.10
N GLU A 179 -6.82 -14.53 25.25
CA GLU A 179 -5.67 -15.35 25.63
C GLU A 179 -5.98 -16.81 25.38
N ASN A 180 -7.21 -17.22 25.71
CA ASN A 180 -7.69 -18.54 25.33
C ASN A 180 -7.47 -18.78 23.85
N LEU A 181 -8.02 -17.89 23.03
CA LEU A 181 -7.78 -17.95 21.58
C LEU A 181 -6.28 -17.97 21.16
N LEU A 182 -5.49 -17.07 21.75
CA LEU A 182 -4.08 -16.98 21.44
C LEU A 182 -3.43 -18.35 21.47
N ASN A 183 -3.31 -18.85 22.70
CA ASN A 183 -2.71 -20.14 23.02
C ASN A 183 -3.23 -21.32 22.16
N GLU A 184 -4.53 -21.40 21.91
CA GLU A 184 -5.04 -22.46 21.06
C GLU A 184 -4.40 -22.33 19.68
N PHE A 185 -4.55 -21.15 19.09
CA PHE A 185 -3.98 -20.94 17.79
C PHE A 185 -2.50 -21.32 17.79
N LEU A 186 -1.73 -20.81 18.76
CA LEU A 186 -0.33 -21.17 18.87
C LEU A 186 -0.11 -22.71 18.77
N GLU A 187 -0.88 -23.48 19.55
CA GLU A 187 -0.85 -24.94 19.52
C GLU A 187 -1.06 -25.40 18.11
N LYS A 188 -2.18 -24.99 17.51
CA LYS A 188 -2.49 -25.50 16.20
C LYS A 188 -1.27 -25.27 15.32
N LEU A 189 -0.60 -24.13 15.54
CA LEU A 189 0.60 -23.75 14.78
C LEU A 189 1.78 -24.70 15.04
N ARG A 190 1.82 -25.32 16.21
CA ARG A 190 2.93 -26.21 16.50
C ARG A 190 2.76 -27.50 15.72
N ASP A 191 1.54 -28.03 15.74
CA ASP A 191 1.25 -29.24 15.00
C ASP A 191 1.39 -28.90 13.53
N HIS A 192 1.25 -27.62 13.18
CA HIS A 192 1.39 -27.20 11.79
C HIS A 192 2.83 -27.42 11.38
N TYR A 193 3.73 -26.81 12.14
CA TYR A 193 5.15 -26.88 11.80
C TYR A 193 5.62 -28.33 11.69
N ARG A 194 5.35 -29.13 12.72
CA ARG A 194 5.67 -30.56 12.64
C ARG A 194 5.11 -31.21 11.38
N LYS A 195 3.80 -31.12 11.12
CA LYS A 195 3.28 -31.60 9.83
C LYS A 195 4.11 -31.07 8.65
N VAL A 196 4.56 -29.82 8.71
CA VAL A 196 5.30 -29.27 7.59
C VAL A 196 6.63 -29.96 7.45
N GLU A 197 7.39 -29.97 8.54
CA GLU A 197 8.69 -30.63 8.57
C GLU A 197 8.64 -32.05 7.99
N GLU A 198 7.63 -32.82 8.41
CA GLU A 198 7.39 -34.11 7.80
C GLU A 198 7.38 -33.98 6.29
N HIS A 199 6.41 -33.28 5.72
CA HIS A 199 6.33 -33.21 4.26
C HIS A 199 7.64 -32.79 3.60
N LEU A 200 8.25 -31.77 4.16
CA LEU A 200 9.54 -31.33 3.68
C LEU A 200 10.53 -32.49 3.52
N GLU A 201 10.64 -33.31 4.57
CA GLU A 201 11.51 -34.48 4.51
C GLU A 201 11.28 -35.28 3.23
N LYS A 202 10.13 -35.96 3.16
CA LYS A 202 9.85 -36.92 2.11
C LYS A 202 9.97 -36.34 0.71
N ASN A 203 9.12 -35.39 0.40
CA ASN A 203 9.07 -34.81 -0.95
C ASN A 203 9.90 -33.54 -1.15
N GLY A 204 10.41 -32.97 -0.06
CA GLY A 204 11.11 -31.69 -0.12
C GLY A 204 10.24 -30.48 -0.44
N ASN A 205 8.93 -30.69 -0.50
CA ASN A 205 7.97 -29.65 -0.87
C ASN A 205 6.72 -29.66 0.03
N TYR A 206 5.96 -28.57 0.04
CA TYR A 206 4.65 -28.52 0.70
C TYR A 206 3.69 -27.49 0.06
N ASP A 207 2.41 -27.86 -0.07
CA ASP A 207 1.39 -27.01 -0.70
C ASP A 207 0.50 -26.25 0.29
N SER A 208 0.70 -26.48 1.58
CA SER A 208 -0.08 -25.79 2.61
C SER A 208 0.80 -25.24 3.75
N PRO A 209 1.80 -24.41 3.40
CA PRO A 209 2.68 -23.76 4.38
C PRO A 209 1.92 -22.86 5.33
N ILE A 210 0.84 -22.25 4.84
CA ILE A 210 0.05 -21.30 5.62
C ILE A 210 -1.13 -21.94 6.33
N LEU A 211 -1.26 -21.58 7.60
CA LEU A 211 -2.29 -22.12 8.47
C LEU A 211 -3.54 -21.29 8.46
N THR A 212 -3.40 -20.01 8.81
CA THR A 212 -4.54 -19.16 9.16
C THR A 212 -5.76 -19.28 8.24
N ASP A 213 -5.55 -19.20 6.93
CA ASP A 213 -6.67 -19.28 6.01
C ASP A 213 -7.50 -20.54 6.17
N ASN A 214 -6.87 -21.67 6.40
CA ASN A 214 -7.65 -22.88 6.58
C ASN A 214 -8.33 -22.92 7.93
N VAL A 215 -7.69 -22.35 8.94
CA VAL A 215 -8.25 -22.50 10.28
C VAL A 215 -9.15 -21.36 10.79
N VAL A 216 -9.21 -20.24 10.07
CA VAL A 216 -9.90 -19.04 10.54
C VAL A 216 -11.40 -19.28 10.77
N GLU A 217 -12.11 -19.72 9.74
CA GLU A 217 -13.54 -19.91 9.86
C GLU A 217 -13.90 -20.81 11.08
N LYS A 218 -13.19 -21.93 11.29
CA LYS A 218 -13.36 -22.72 12.53
C LYS A 218 -13.27 -21.88 13.83
N LEU A 219 -12.16 -21.14 13.97
CA LEU A 219 -11.93 -20.27 15.14
C LEU A 219 -12.92 -19.13 15.23
N ARG A 220 -13.55 -18.78 14.10
CA ARG A 220 -14.57 -17.73 14.07
C ARG A 220 -15.82 -18.17 14.82
N LYS A 221 -16.35 -19.34 14.46
CA LYS A 221 -17.48 -19.94 15.17
C LYS A 221 -17.22 -20.00 16.66
N LYS A 222 -16.06 -20.50 17.04
CA LYS A 222 -15.77 -20.63 18.47
C LYS A 222 -15.81 -19.30 19.23
N TYR A 223 -14.85 -18.43 18.95
CA TYR A 223 -14.69 -17.24 19.77
C TYR A 223 -15.50 -16.01 19.29
N ILE A 224 -15.98 -16.07 18.06
CA ILE A 224 -16.66 -14.90 17.52
C ILE A 224 -18.18 -15.08 17.46
N ASP A 225 -18.65 -16.02 16.64
CA ASP A 225 -20.07 -16.26 16.45
C ASP A 225 -20.76 -16.41 17.77
N THR A 226 -20.06 -17.02 18.73
CA THR A 226 -20.50 -17.15 20.12
C THR A 226 -20.94 -15.83 20.71
N LYS A 227 -20.12 -14.81 20.49
CA LYS A 227 -20.28 -13.57 21.22
C LYS A 227 -21.22 -12.59 20.52
N VAL A 228 -21.87 -13.01 19.43
CA VAL A 228 -22.62 -12.07 18.60
C VAL A 228 -24.00 -12.53 18.10
N ILE A 229 -24.92 -11.58 17.96
CA ILE A 229 -26.22 -11.86 17.38
C ILE A 229 -26.41 -11.03 16.13
N ALA A 230 -27.17 -11.55 15.19
CA ALA A 230 -27.44 -10.86 13.94
C ALA A 230 -28.02 -9.47 14.22
N TYR A 231 -27.65 -8.47 13.42
CA TYR A 231 -28.31 -7.16 13.48
C TYR A 231 -28.50 -6.52 12.11
N GLY A 232 -29.74 -6.22 11.74
CA GLY A 232 -29.99 -5.45 10.53
C GLY A 232 -29.26 -5.92 9.28
N SER A 233 -28.90 -4.98 8.42
CA SER A 233 -28.28 -5.41 7.18
C SER A 233 -26.76 -5.50 7.35
N GLY A 234 -26.26 -6.73 7.40
CA GLY A 234 -24.82 -6.97 7.43
C GLY A 234 -24.08 -6.67 8.72
N LYS A 235 -24.81 -6.34 9.79
CA LYS A 235 -24.14 -5.97 11.02
C LYS A 235 -24.35 -6.99 12.14
N VAL A 236 -23.71 -6.77 13.28
CA VAL A 236 -24.03 -7.55 14.46
C VAL A 236 -24.01 -6.76 15.77
N LYS A 237 -24.76 -7.29 16.73
CA LYS A 237 -24.92 -6.69 18.03
C LYS A 237 -23.93 -7.41 18.93
N VAL A 238 -23.02 -6.66 19.56
CA VAL A 238 -22.00 -7.30 20.40
C VAL A 238 -21.98 -6.77 21.83
N LYS A 239 -22.26 -7.65 22.80
CA LYS A 239 -22.07 -7.25 24.19
C LYS A 239 -20.58 -7.14 24.48
N ILE A 240 -20.19 -6.09 25.20
CA ILE A 240 -18.82 -5.92 25.63
C ILE A 240 -18.62 -6.64 26.95
N PRO A 241 -17.59 -7.51 27.05
CA PRO A 241 -17.29 -8.15 28.34
C PRO A 241 -16.56 -7.21 29.32
N ARG A 242 -16.13 -7.75 30.45
CA ARG A 242 -15.21 -7.08 31.36
C ARG A 242 -14.15 -8.07 31.90
N LYS A 243 -13.05 -7.54 32.41
CA LYS A 243 -11.91 -8.34 32.88
C LYS A 243 -12.29 -9.31 34.00
N SER A 248 -2.76 -5.58 32.40
CA SER A 248 -4.11 -5.82 31.95
C SER A 248 -4.84 -4.51 31.64
N PRO A 249 -4.74 -4.05 30.38
CA PRO A 249 -5.61 -2.94 29.96
C PRO A 249 -7.04 -3.45 29.69
N ARG A 250 -8.07 -2.71 30.07
CA ARG A 250 -9.42 -3.16 29.75
C ARG A 250 -9.81 -2.77 28.30
N VAL A 251 -9.30 -1.65 27.81
CA VAL A 251 -9.49 -1.24 26.41
C VAL A 251 -10.92 -1.39 25.84
N ILE A 252 -11.81 -0.47 26.19
CA ILE A 252 -13.05 -0.33 25.41
C ILE A 252 -12.78 0.17 23.98
N PRO A 253 -13.51 -0.36 22.98
CA PRO A 253 -13.48 0.19 21.61
C PRO A 253 -13.97 1.62 21.63
N ILE A 254 -13.41 2.47 20.77
CA ILE A 254 -13.71 3.90 20.79
C ILE A 254 -15.17 4.19 20.49
N GLU A 255 -15.80 3.32 19.71
CA GLU A 255 -17.18 3.50 19.28
C GLU A 255 -18.15 3.39 20.47
N VAL A 256 -17.62 3.02 21.64
CA VAL A 256 -18.43 2.91 22.87
C VAL A 256 -18.64 4.26 23.53
N LEU A 257 -17.72 5.18 23.32
CA LEU A 257 -17.95 6.54 23.74
C LEU A 257 -18.85 7.21 22.71
N GLU A 258 -18.60 6.88 21.44
CA GLU A 258 -19.39 7.38 20.34
C GLU A 258 -20.89 7.16 20.62
N SER A 259 -21.23 5.93 21.02
CA SER A 259 -22.62 5.50 21.19
C SER A 259 -23.33 6.12 22.40
N SER A 260 -22.58 6.41 23.44
CA SER A 260 -23.15 6.71 24.77
C SER A 260 -23.45 8.18 25.02
N ARG A 261 -23.46 8.99 23.95
CA ARG A 261 -23.40 10.46 23.98
C ARG A 261 -24.26 11.27 24.98
N GLY A 262 -25.51 10.90 25.20
CA GLY A 262 -26.32 11.70 26.10
C GLY A 262 -26.07 11.45 27.58
N LYS A 263 -25.01 10.71 27.91
CA LYS A 263 -24.88 10.09 29.23
C LYS A 263 -23.73 10.63 30.06
N SER A 264 -23.83 10.41 31.37
CA SER A 264 -22.71 10.64 32.28
C SER A 264 -21.70 9.48 32.19
N VAL A 265 -20.42 9.80 32.29
CA VAL A 265 -19.38 8.79 32.24
C VAL A 265 -19.61 7.70 33.30
N ASP A 266 -20.07 8.13 34.48
CA ASP A 266 -20.41 7.20 35.54
C ASP A 266 -21.47 6.24 35.05
N GLU A 267 -22.53 6.77 34.43
CA GLU A 267 -23.58 5.94 33.85
C GLU A 267 -22.96 4.90 32.91
N LEU A 268 -22.02 5.33 32.09
CA LEU A 268 -21.35 4.47 31.12
C LEU A 268 -20.66 3.27 31.79
N LEU A 269 -19.83 3.55 32.79
CA LEU A 269 -19.16 2.48 33.53
C LEU A 269 -20.15 1.52 34.17
N GLN A 270 -21.19 2.07 34.80
CA GLN A 270 -22.20 1.23 35.46
C GLN A 270 -22.85 0.27 34.45
N GLU A 271 -23.11 0.78 33.23
CA GLU A 271 -23.68 -0.03 32.15
C GLU A 271 -22.63 -1.01 31.63
N LEU A 272 -21.37 -0.57 31.64
CA LEU A 272 -20.23 -1.42 31.32
C LEU A 272 -20.08 -2.51 32.36
N ASP A 273 -20.36 -2.14 33.61
CA ASP A 273 -20.23 -3.07 34.73
C ASP A 273 -21.28 -4.15 34.63
N GLU A 274 -22.52 -3.73 34.40
CA GLU A 274 -23.67 -4.62 34.30
C GLU A 274 -23.68 -5.30 32.94
N GLU A 275 -22.78 -4.86 32.07
CA GLU A 275 -22.66 -5.41 30.73
C GLU A 275 -23.94 -5.26 29.89
N LYS A 276 -24.59 -4.11 30.01
CA LYS A 276 -25.69 -3.79 29.13
C LYS A 276 -25.06 -3.51 27.77
N VAL A 277 -23.95 -2.78 27.79
CA VAL A 277 -23.40 -2.14 26.59
C VAL A 277 -23.24 -3.09 25.41
N GLU A 278 -23.80 -2.66 24.28
CA GLU A 278 -23.67 -3.40 23.02
C GLU A 278 -23.05 -2.53 21.92
N LEU A 279 -22.51 -3.16 20.89
CA LEU A 279 -21.94 -2.43 19.75
C LEU A 279 -22.58 -2.92 18.46
N TYR A 280 -22.72 -2.03 17.49
CA TYR A 280 -23.41 -2.42 16.26
C TYR A 280 -22.56 -2.75 15.04
N LEU A 281 -21.25 -2.86 15.25
CA LEU A 281 -20.24 -3.05 14.18
C LEU A 281 -20.46 -4.21 13.18
N GLY A 282 -19.93 -4.05 11.97
CA GLY A 282 -20.15 -4.99 10.88
C GLY A 282 -19.45 -6.34 10.91
N LYS A 283 -20.18 -7.37 10.47
CA LYS A 283 -19.64 -8.71 10.40
C LYS A 283 -18.23 -8.69 9.80
N ASP A 284 -18.17 -8.39 8.51
CA ASP A 284 -16.93 -8.50 7.77
C ASP A 284 -15.77 -7.79 8.46
N ASP A 285 -15.98 -6.59 8.97
CA ASP A 285 -14.92 -5.90 9.69
C ASP A 285 -14.39 -6.87 10.74
N ILE A 286 -15.27 -7.34 11.62
CA ILE A 286 -14.86 -8.29 12.67
C ILE A 286 -14.15 -9.50 12.07
N TYR A 287 -14.81 -10.18 11.14
CA TYR A 287 -14.21 -11.34 10.49
C TYR A 287 -12.81 -10.98 10.05
N ASP A 288 -12.72 -10.02 9.13
CA ASP A 288 -11.43 -9.56 8.66
C ASP A 288 -10.48 -9.30 9.84
N ALA A 289 -10.94 -8.56 10.85
CA ALA A 289 -10.09 -8.28 12.02
C ALA A 289 -9.50 -9.56 12.60
N LEU A 290 -10.37 -10.56 12.77
CA LEU A 290 -9.93 -11.89 13.18
C LEU A 290 -8.82 -12.37 12.26
N HIS A 291 -9.12 -12.38 10.97
CA HIS A 291 -8.21 -12.94 9.99
C HIS A 291 -6.85 -12.26 10.12
N MET A 292 -6.89 -10.93 10.14
CA MET A 292 -5.71 -10.13 10.28
C MET A 292 -4.94 -10.53 11.54
N THR A 293 -5.70 -10.78 12.61
CA THR A 293 -5.06 -11.14 13.90
C THR A 293 -4.23 -12.40 13.75
N LEU A 294 -4.86 -13.47 13.27
CA LEU A 294 -4.22 -14.76 13.09
C LEU A 294 -2.99 -14.66 12.19
N SER A 295 -3.18 -14.10 11.01
CA SER A 295 -2.07 -13.96 10.10
C SER A 295 -0.91 -13.34 10.86
N TYR A 296 -1.19 -12.20 11.45
CA TYR A 296 -0.18 -11.51 12.23
C TYR A 296 0.45 -12.41 13.33
N ILE A 297 -0.29 -13.35 13.89
CA ILE A 297 0.37 -14.21 14.87
C ILE A 297 1.13 -15.35 14.20
N GLU A 298 0.54 -15.91 13.15
CA GLU A 298 1.20 -16.96 12.40
C GLU A 298 2.53 -16.45 11.86
N TYR A 299 2.55 -15.15 11.58
CA TYR A 299 3.77 -14.49 11.14
C TYR A 299 4.74 -14.25 12.29
N LEU A 300 4.23 -13.87 13.45
CA LEU A 300 5.14 -13.64 14.58
C LEU A 300 5.77 -14.95 15.04
N TYR A 301 4.98 -16.03 14.98
CA TYR A 301 5.53 -17.33 15.24
C TYR A 301 6.70 -17.52 14.28
N SER A 302 6.48 -17.19 13.02
CA SER A 302 7.51 -17.35 11.99
C SER A 302 8.88 -16.68 12.30
N ILE A 303 8.86 -15.46 12.84
CA ILE A 303 10.12 -14.78 13.20
C ILE A 303 10.74 -15.41 14.44
N ASP A 304 9.87 -15.72 15.40
CA ASP A 304 10.30 -16.28 16.67
C ASP A 304 11.00 -17.61 16.39
N LYS A 305 10.47 -18.40 15.47
CA LYS A 305 11.14 -19.66 15.11
C LYS A 305 12.45 -19.38 14.40
N LEU A 306 12.40 -18.68 13.29
CA LEU A 306 13.65 -18.39 12.59
C LEU A 306 14.73 -17.82 13.54
N LEU A 307 14.28 -17.15 14.61
CA LEU A 307 15.18 -16.55 15.59
C LEU A 307 15.84 -17.59 16.49
N GLU A 308 15.43 -18.84 16.33
CA GLU A 308 16.13 -19.92 17.01
C GLU A 308 17.44 -20.27 16.31
N VAL A 309 17.58 -19.91 15.04
CA VAL A 309 18.86 -20.11 14.35
C VAL A 309 20.01 -19.27 14.95
N LYS A 310 21.08 -19.99 15.30
CA LYS A 310 22.20 -19.45 16.08
C LYS A 310 23.10 -18.51 15.28
N ASN A 311 23.37 -18.88 14.03
CA ASN A 311 23.96 -17.94 13.09
C ASN A 311 22.97 -17.64 11.98
N LEU A 312 22.39 -16.46 12.05
CA LEU A 312 21.38 -16.09 11.09
C LEU A 312 21.82 -14.81 10.43
N ALA A 313 21.91 -14.84 9.10
CA ALA A 313 22.38 -13.67 8.34
C ALA A 313 21.37 -13.20 7.28
N TYR A 314 21.36 -11.90 7.01
CA TYR A 314 20.44 -11.30 6.02
C TYR A 314 21.26 -10.44 5.05
N ILE A 315 21.07 -10.60 3.74
CA ILE A 315 21.91 -9.87 2.77
C ILE A 315 21.08 -9.14 1.73
N ALA A 316 21.12 -7.82 1.75
CA ALA A 316 20.34 -7.02 0.84
C ALA A 316 21.21 -5.96 0.18
N LYS A 317 21.22 -5.94 -1.15
CA LYS A 317 22.12 -5.04 -1.89
C LYS A 317 21.72 -3.60 -1.70
N SER A 318 20.42 -3.36 -1.79
CA SER A 318 19.87 -2.06 -1.47
C SER A 318 18.80 -2.27 -0.41
N PHE A 319 18.78 -1.35 0.54
CA PHE A 319 17.71 -1.28 1.49
C PHE A 319 17.62 0.20 1.73
N TYR A 320 16.67 0.64 2.54
CA TYR A 320 16.65 2.01 2.99
C TYR A 320 15.35 2.28 3.72
N THR A 321 15.23 3.50 4.24
CA THR A 321 13.98 4.23 4.44
C THR A 321 14.32 5.56 5.12
N LYS A 322 13.38 6.53 5.03
CA LYS A 322 13.53 7.85 5.66
C LYS A 322 13.88 7.66 7.14
N THR A 323 13.45 6.52 7.67
CA THR A 323 13.65 6.17 9.06
C THR A 323 15.07 5.64 9.21
N LEU A 324 15.59 5.02 8.14
CA LEU A 324 16.86 4.31 8.23
C LEU A 324 18.10 5.15 8.55
N ALA A 325 17.91 6.47 8.62
CA ALA A 325 18.87 7.37 9.24
C ALA A 325 18.46 7.75 10.69
N ARG A 326 17.31 8.42 10.85
CA ARG A 326 16.81 8.98 12.14
C ARG A 326 16.77 8.04 13.35
N THR A 327 15.93 7.02 13.25
CA THR A 327 16.02 5.94 14.21
C THR A 327 17.47 5.47 14.11
N LEU A 328 18.14 5.53 15.26
CA LEU A 328 19.60 5.73 15.34
C LEU A 328 20.40 5.02 14.24
N ILE A 332 25.78 6.11 8.78
CA ILE A 332 24.45 5.52 8.61
C ILE A 332 23.75 5.97 7.31
N VAL A 333 23.63 5.06 6.33
CA VAL A 333 23.43 5.47 4.95
C VAL A 333 23.15 4.31 4.02
N ASP A 334 22.57 4.61 2.86
CA ASP A 334 22.23 3.59 1.89
C ASP A 334 23.54 3.07 1.32
N THR A 335 23.58 1.79 0.96
CA THR A 335 24.82 1.24 0.43
C THR A 335 25.36 2.04 -0.77
N ALA A 336 24.56 2.17 -1.82
CA ALA A 336 25.07 2.66 -3.11
C ALA A 336 25.71 4.05 -3.02
N LEU A 337 25.27 4.83 -2.05
CA LEU A 337 25.81 6.18 -1.87
C LEU A 337 27.24 6.01 -1.38
N LEU A 338 27.39 5.40 -0.20
CA LEU A 338 28.72 5.10 0.32
C LEU A 338 29.65 4.33 -0.66
N ASP A 339 29.07 3.35 -1.36
CA ASP A 339 29.78 2.62 -2.41
C ASP A 339 30.45 3.62 -3.38
N ALA A 340 29.65 4.59 -3.85
CA ALA A 340 30.17 5.68 -4.69
C ALA A 340 31.17 6.57 -3.93
N VAL A 341 30.77 7.10 -2.78
CA VAL A 341 31.61 8.04 -2.03
C VAL A 341 33.05 7.55 -1.96
N ILE A 342 33.27 6.24 -1.80
CA ILE A 342 34.62 5.73 -1.58
C ILE A 342 35.48 5.83 -2.83
N ARG A 343 35.11 5.11 -3.89
CA ARG A 343 35.88 5.16 -5.13
C ARG A 343 36.07 6.62 -5.52
N THR A 344 35.07 7.45 -5.21
CA THR A 344 35.15 8.89 -5.47
C THR A 344 35.71 9.73 -4.31
N LEU A 345 36.16 9.09 -3.24
CA LEU A 345 37.00 9.78 -2.26
C LEU A 345 38.28 9.03 -2.14
N ILE A 346 38.20 7.92 -1.42
CA ILE A 346 39.37 7.22 -0.95
C ILE A 346 40.08 6.41 -2.06
N GLY A 347 39.35 6.06 -3.11
CA GLY A 347 39.94 5.38 -4.25
C GLY A 347 40.04 3.87 -4.15
N HIS A 348 39.55 3.31 -3.05
CA HIS A 348 39.60 1.87 -2.82
C HIS A 348 38.96 1.12 -3.96
N GLU A 349 37.63 1.19 -3.99
CA GLU A 349 36.86 0.26 -4.78
C GLU A 349 37.21 -1.16 -4.35
N LYS A 350 37.67 -1.29 -3.11
CA LYS A 350 38.31 -2.52 -2.62
C LYS A 350 37.40 -3.41 -1.79
N GLU A 351 37.62 -4.73 -1.87
CA GLU A 351 36.84 -5.71 -1.09
C GLU A 351 37.08 -5.54 0.40
N GLY A 352 36.12 -5.97 1.20
CA GLY A 352 36.24 -5.76 2.63
C GLY A 352 34.89 -5.62 3.30
N TYR A 353 34.88 -5.21 4.55
CA TYR A 353 33.62 -4.92 5.21
C TYR A 353 33.81 -3.85 6.29
N LEU A 354 32.70 -3.21 6.65
CA LEU A 354 32.75 -2.15 7.63
C LEU A 354 31.58 -2.31 8.58
N GLU A 355 31.91 -2.57 9.83
CA GLU A 355 30.93 -2.94 10.84
C GLU A 355 30.41 -1.71 11.55
N ILE A 356 29.11 -1.47 11.45
CA ILE A 356 28.50 -0.39 12.22
C ILE A 356 28.60 -0.71 13.70
N GLU A 357 29.14 0.27 14.43
CA GLU A 357 29.73 0.05 15.75
C GLU A 357 28.76 -0.51 16.77
N HIS A 358 27.58 0.09 16.81
CA HIS A 358 26.68 -0.09 17.94
C HIS A 358 25.41 -0.85 17.55
N ALA A 359 25.16 -1.98 18.21
CA ALA A 359 24.03 -2.84 17.87
C ALA A 359 22.75 -2.04 17.90
N VAL A 360 21.78 -2.42 17.07
CA VAL A 360 20.48 -1.74 17.06
C VAL A 360 19.30 -2.57 17.64
N VAL A 361 18.59 -1.99 18.61
CA VAL A 361 17.38 -2.61 19.15
C VAL A 361 16.17 -2.19 18.31
N PRO A 362 15.12 -3.02 18.29
CA PRO A 362 13.91 -2.61 17.56
C PRO A 362 13.02 -1.62 18.34
N PRO A 363 12.38 -0.67 17.62
CA PRO A 363 11.34 0.13 18.26
C PRO A 363 10.24 -0.80 18.77
N LYS A 364 9.88 -0.66 20.04
CA LYS A 364 9.03 -1.63 20.73
C LYS A 364 7.52 -1.49 20.47
N TRP A 365 7.13 -0.42 19.77
CA TRP A 365 5.71 -0.12 19.47
C TRP A 365 5.02 -1.13 18.52
N SER A 366 5.80 -1.70 17.62
CA SER A 366 5.32 -2.62 16.57
C SER A 366 4.94 -3.99 17.12
N PHE A 367 5.41 -4.27 18.33
CA PHE A 367 5.30 -5.59 18.94
C PHE A 367 4.54 -5.44 20.23
N PRO A 368 3.23 -5.66 20.19
CA PRO A 368 2.34 -5.54 21.35
C PRO A 368 2.87 -6.31 22.56
N ASP A 369 2.89 -5.66 23.71
CA ASP A 369 3.42 -6.25 24.94
C ASP A 369 2.72 -7.56 25.32
N PHE A 370 1.45 -7.67 24.94
CA PHE A 370 0.65 -8.83 25.31
C PHE A 370 0.90 -9.98 24.37
N LEU A 371 1.85 -9.76 23.48
CA LEU A 371 2.28 -10.76 22.50
C LEU A 371 3.63 -11.40 22.82
N LEU A 372 4.66 -10.56 22.94
CA LEU A 372 6.04 -11.00 23.15
C LEU A 372 6.19 -11.97 24.32
N SER A 373 5.30 -11.83 25.30
CA SER A 373 5.28 -12.80 26.37
C SER A 373 5.39 -14.17 25.70
N LYS A 374 4.69 -14.33 24.59
CA LYS A 374 4.62 -15.59 23.85
C LYS A 374 5.85 -15.87 22.97
N PHE A 375 6.50 -14.81 22.47
CA PHE A 375 7.63 -15.02 21.59
C PHE A 375 8.93 -14.54 22.21
N ARG A 376 9.68 -15.49 22.75
CA ARG A 376 10.89 -15.15 23.47
C ARG A 376 11.84 -14.44 22.57
N ASN A 377 12.34 -15.16 21.57
CA ASN A 377 13.38 -14.66 20.72
C ASN A 377 13.13 -13.26 20.21
N ILE A 378 11.89 -12.96 19.86
CA ILE A 378 11.62 -11.60 19.50
C ILE A 378 11.91 -10.72 20.70
N GLU A 379 11.26 -11.06 21.80
CA GLU A 379 11.50 -10.42 23.07
C GLU A 379 13.02 -10.35 23.34
N LYS A 380 13.73 -11.41 23.01
CA LYS A 380 15.18 -11.43 23.15
C LYS A 380 15.88 -10.55 22.12
N LEU A 381 15.44 -10.66 20.88
CA LEU A 381 15.95 -9.79 19.84
C LEU A 381 15.84 -8.32 20.26
N ILE A 382 14.70 -7.95 20.87
CA ILE A 382 14.50 -6.58 21.37
C ILE A 382 15.68 -6.13 22.24
N ASP A 383 15.99 -6.91 23.26
CA ASP A 383 17.05 -6.58 24.21
C ASP A 383 18.45 -6.59 23.62
N LYS A 384 18.83 -7.69 22.97
CA LYS A 384 20.17 -7.79 22.40
C LYS A 384 20.42 -6.91 21.16
N GLY A 385 19.57 -6.99 20.14
CA GLY A 385 19.64 -6.06 19.02
C GLY A 385 20.23 -6.66 17.77
N ILE A 386 20.35 -5.85 16.72
CA ILE A 386 20.78 -6.32 15.41
C ILE A 386 22.10 -5.69 14.95
N HIS A 387 23.15 -6.52 14.82
CA HIS A 387 24.44 -6.06 14.28
C HIS A 387 24.38 -5.89 12.76
N LEU A 388 24.94 -4.79 12.28
CA LEU A 388 24.84 -4.41 10.87
C LEU A 388 26.24 -4.06 10.38
N ALA A 389 26.54 -4.38 9.12
CA ALA A 389 27.82 -4.04 8.52
C ALA A 389 27.65 -3.86 7.02
N TYR A 390 28.49 -3.04 6.40
CA TYR A 390 28.53 -2.99 4.94
C TYR A 390 29.60 -3.94 4.48
N VAL A 391 29.30 -4.72 3.47
CA VAL A 391 30.23 -5.75 3.03
C VAL A 391 30.33 -5.69 1.53
N ARG A 392 31.57 -5.73 1.06
CA ARG A 392 31.86 -5.80 -0.36
C ARG A 392 32.65 -7.09 -0.54
N PHE A 393 32.03 -8.07 -1.20
CA PHE A 393 32.67 -9.37 -1.31
C PHE A 393 33.88 -9.39 -2.24
N GLU A 394 33.80 -8.74 -3.40
CA GLU A 394 34.93 -8.76 -4.32
C GLU A 394 35.14 -7.46 -5.10
N GLN A 395 36.35 -6.92 -5.01
CA GLN A 395 36.80 -5.87 -5.92
C GLN A 395 35.82 -4.71 -6.09
N GLY A 396 35.56 -4.34 -7.34
CA GLY A 396 34.71 -3.21 -7.67
C GLY A 396 33.25 -3.60 -7.74
N ASP A 397 32.93 -4.76 -7.16
CA ASP A 397 31.56 -5.20 -7.07
C ASP A 397 30.88 -4.35 -6.02
N VAL A 398 29.59 -4.58 -5.81
CA VAL A 398 28.76 -3.67 -5.05
C VAL A 398 28.93 -3.83 -3.56
N ILE A 399 28.15 -3.08 -2.79
CA ILE A 399 28.13 -3.25 -1.35
C ILE A 399 26.75 -3.73 -0.84
N TYR A 400 26.72 -4.97 -0.36
CA TYR A 400 25.50 -5.49 0.24
C TYR A 400 25.35 -5.08 1.71
N MET A 401 24.11 -4.88 2.13
CA MET A 401 23.85 -4.66 3.53
C MET A 401 23.78 -5.99 4.28
N LEU A 402 24.60 -6.13 5.32
CA LEU A 402 24.64 -7.39 6.05
C LEU A 402 24.17 -7.25 7.49
N GLN A 403 23.05 -7.91 7.83
CA GLN A 403 22.45 -7.80 9.17
C GLN A 403 22.37 -9.16 9.85
N SER A 404 22.67 -9.21 11.14
CA SER A 404 22.60 -10.48 11.88
C SER A 404 22.33 -10.38 13.38
N THR A 405 21.67 -11.42 13.89
CA THR A 405 21.38 -11.61 15.31
C THR A 405 22.64 -11.72 16.13
N THR A 406 23.80 -11.85 15.48
CA THR A 406 25.07 -11.94 16.24
C THR A 406 26.17 -11.11 15.60
N ASN A 407 27.35 -11.12 16.24
CA ASN A 407 28.47 -10.26 15.83
C ASN A 407 29.03 -10.56 14.45
N ILE A 408 29.09 -9.52 13.62
CA ILE A 408 29.55 -9.67 12.24
C ILE A 408 30.82 -10.49 12.17
N GLU A 409 31.76 -10.17 13.05
CA GLU A 409 33.03 -10.91 13.11
C GLU A 409 32.81 -12.40 13.15
N LYS A 410 31.90 -12.86 14.00
CA LYS A 410 31.58 -14.27 14.04
C LYS A 410 30.92 -14.76 12.72
N ILE A 411 29.78 -14.20 12.38
CA ILE A 411 29.04 -14.67 11.23
C ILE A 411 29.75 -14.58 9.86
N LEU A 412 30.36 -13.44 9.56
CA LEU A 412 30.90 -13.19 8.24
C LEU A 412 31.77 -14.32 7.69
N PRO A 413 32.69 -14.83 8.52
CA PRO A 413 33.53 -16.00 8.18
C PRO A 413 32.72 -17.19 7.63
N LEU A 414 31.62 -17.55 8.30
CA LEU A 414 30.79 -18.67 7.88
C LEU A 414 30.18 -18.40 6.51
N ILE A 415 29.64 -17.20 6.35
CA ILE A 415 29.14 -16.74 5.07
C ILE A 415 30.22 -16.94 4.02
N LEU A 416 31.39 -16.33 4.28
CA LEU A 416 32.44 -16.23 3.27
C LEU A 416 32.83 -17.61 2.70
N HIS A 417 32.68 -18.65 3.51
CA HIS A 417 32.99 -19.99 3.07
C HIS A 417 32.37 -20.29 1.72
N HIS A 418 31.19 -19.74 1.48
CA HIS A 418 30.47 -19.98 0.23
C HIS A 418 30.64 -18.95 -0.90
N LYS A 419 31.56 -17.99 -0.75
CA LYS A 419 31.68 -16.94 -1.77
C LYS A 419 31.88 -17.56 -3.15
N ALA A 420 30.96 -17.23 -4.04
CA ALA A 420 30.91 -17.84 -5.37
C ALA A 420 31.82 -17.16 -6.36
N GLY A 421 31.84 -15.84 -6.28
CA GLY A 421 32.00 -14.96 -7.45
C GLY A 421 31.80 -13.57 -6.90
N GLY A 422 31.23 -12.68 -7.72
CA GLY A 422 30.90 -11.34 -7.26
C GLY A 422 30.20 -11.36 -5.91
N TYR A 423 29.38 -12.38 -5.69
CA TYR A 423 28.83 -12.65 -4.36
C TYR A 423 28.42 -14.15 -4.14
N LEU A 424 27.79 -14.47 -3.02
CA LEU A 424 27.62 -15.87 -2.56
C LEU A 424 26.67 -16.83 -3.33
N ARG A 425 27.11 -18.08 -3.55
CA ARG A 425 26.39 -19.03 -4.42
C ARG A 425 25.03 -19.53 -3.96
N PRO A 426 24.94 -20.02 -2.72
CA PRO A 426 23.66 -20.47 -2.12
C PRO A 426 22.54 -19.45 -2.33
N LEU A 427 22.90 -18.17 -2.28
CA LEU A 427 21.96 -17.06 -2.46
C LEU A 427 21.65 -16.79 -3.93
N GLN A 428 22.67 -16.66 -4.76
CA GLN A 428 22.44 -16.43 -6.18
C GLN A 428 21.63 -17.60 -6.78
N LEU A 429 21.78 -18.77 -6.17
CA LEU A 429 20.93 -19.91 -6.55
C LEU A 429 19.51 -19.69 -6.08
N ALA A 430 19.35 -19.39 -4.78
CA ALA A 430 18.03 -19.07 -4.23
C ALA A 430 17.33 -17.96 -5.02
N HIS A 431 18.10 -16.96 -5.46
CA HIS A 431 17.58 -15.91 -6.33
C HIS A 431 17.08 -16.48 -7.64
N HIS A 432 18.02 -16.95 -8.44
CA HIS A 432 17.73 -17.50 -9.75
C HIS A 432 16.64 -18.57 -9.61
N GLY A 433 16.73 -19.36 -8.55
CA GLY A 433 15.82 -20.45 -8.32
C GLY A 433 14.39 -20.06 -7.98
N VAL A 434 14.22 -18.94 -7.27
CA VAL A 434 12.89 -18.42 -6.93
C VAL A 434 12.25 -17.63 -8.08
N LYS A 435 13.10 -17.08 -8.94
CA LYS A 435 12.66 -16.40 -10.16
C LYS A 435 11.93 -17.40 -11.04
N ILE A 436 11.93 -18.67 -10.62
CA ILE A 436 11.52 -19.79 -11.47
C ILE A 436 10.07 -19.72 -11.95
N SER A 437 9.32 -18.72 -11.48
CA SER A 437 7.95 -18.55 -11.95
C SER A 437 7.82 -17.62 -13.17
N TYR A 438 7.51 -18.22 -14.31
CA TYR A 438 6.63 -17.63 -15.30
C TYR A 438 5.25 -17.95 -14.74
N LYS A 439 4.23 -17.18 -15.11
CA LYS A 439 2.96 -17.28 -14.43
C LYS A 439 2.35 -18.64 -14.72
N GLU A 440 2.17 -19.43 -13.67
CA GLU A 440 1.60 -20.77 -13.83
C GLU A 440 0.10 -20.68 -14.02
N ALA A 441 -0.55 -20.02 -13.06
CA ALA A 441 -1.99 -19.91 -13.02
C ALA A 441 -2.47 -19.11 -14.20
N ARG A 442 -1.53 -18.58 -14.98
CA ARG A 442 -1.81 -17.75 -16.15
C ARG A 442 -2.89 -18.34 -17.05
N HIS A 443 -2.62 -19.49 -17.67
CA HIS A 443 -3.66 -20.21 -18.40
C HIS A 443 -4.53 -21.00 -17.42
N THR A 444 -3.90 -21.41 -16.33
CA THR A 444 -4.34 -22.58 -15.57
C THR A 444 -5.53 -22.41 -14.61
N LEU A 445 -5.33 -21.68 -13.51
CA LEU A 445 -6.32 -21.65 -12.42
C LEU A 445 -7.72 -21.21 -12.87
N GLU A 446 -7.79 -20.01 -13.45
CA GLU A 446 -9.03 -19.46 -13.98
C GLU A 446 -9.71 -20.39 -14.99
N ALA A 447 -8.91 -21.18 -15.69
CA ALA A 447 -9.47 -22.16 -16.61
C ALA A 447 -10.21 -23.27 -15.87
N LEU A 448 -9.73 -23.66 -14.68
CA LEU A 448 -10.45 -24.67 -13.89
C LEU A 448 -11.48 -24.04 -12.93
N ILE A 449 -11.39 -22.71 -12.77
CA ILE A 449 -12.47 -21.94 -12.16
C ILE A 449 -13.56 -21.75 -13.23
N ASN A 450 -13.13 -21.72 -14.49
CA ASN A 450 -14.04 -21.77 -15.62
C ASN A 450 -15.01 -22.91 -15.36
N ALA A 451 -14.47 -24.06 -15.00
CA ALA A 451 -15.29 -25.25 -14.78
C ALA A 451 -16.38 -25.07 -13.74
N LEU A 452 -16.02 -24.95 -12.47
CA LEU A 452 -16.95 -25.32 -11.40
C LEU A 452 -18.37 -24.83 -11.71
N ARG A 453 -18.62 -23.53 -11.64
CA ARG A 453 -19.80 -22.97 -12.31
C ARG A 453 -19.44 -21.70 -13.05
N ASN A 454 -18.99 -20.70 -12.27
CA ASN A 454 -18.79 -19.33 -12.75
C ASN A 454 -17.48 -19.01 -13.43
N ARG A 455 -17.57 -18.74 -14.72
CA ARG A 455 -16.47 -18.11 -15.43
C ARG A 455 -16.56 -16.58 -15.32
N ASP A 456 -17.73 -16.06 -14.92
CA ASP A 456 -17.96 -14.61 -15.01
C ASP A 456 -16.85 -13.72 -14.44
N PRO A 457 -16.50 -13.90 -13.15
CA PRO A 457 -15.40 -13.10 -12.62
C PRO A 457 -14.11 -13.58 -13.28
N ALA A 458 -14.06 -14.88 -13.53
CA ALA A 458 -12.90 -15.48 -14.16
C ALA A 458 -12.65 -14.75 -15.49
N LEU A 459 -13.66 -14.01 -15.96
CA LEU A 459 -13.55 -13.33 -17.25
C LEU A 459 -12.70 -12.08 -17.06
N LYS A 460 -12.22 -11.92 -15.83
CA LYS A 460 -11.38 -10.79 -15.46
C LYS A 460 -12.35 -9.68 -15.17
N ILE A 461 -13.60 -9.97 -15.51
CA ILE A 461 -14.75 -9.14 -15.16
C ILE A 461 -15.46 -9.63 -13.88
N LEU B 23 1.47 -25.85 -11.97
CA LEU B 23 0.65 -27.08 -11.97
C LEU B 23 -0.26 -27.16 -10.74
N LEU B 24 -0.03 -28.11 -9.82
CA LEU B 24 -1.11 -28.46 -8.89
C LEU B 24 -1.76 -27.40 -7.94
N SER B 25 -1.15 -27.13 -6.78
CA SER B 25 -1.75 -26.19 -5.78
C SER B 25 -3.19 -26.59 -5.47
N LYS B 26 -3.64 -27.61 -6.19
CA LYS B 26 -5.04 -28.02 -6.28
C LYS B 26 -5.62 -28.21 -4.89
N GLN B 27 -4.73 -28.47 -3.94
CA GLN B 27 -5.06 -28.55 -2.54
C GLN B 27 -5.92 -27.35 -2.14
N SER B 28 -5.47 -26.18 -2.54
CA SER B 28 -6.16 -24.96 -2.19
C SER B 28 -7.54 -24.91 -2.84
N ILE B 29 -7.60 -25.30 -4.12
CA ILE B 29 -8.57 -24.74 -5.09
C ILE B 29 -10.00 -24.52 -4.61
N GLU B 30 -10.68 -25.58 -4.17
CA GLU B 30 -12.03 -25.41 -3.63
C GLU B 30 -12.04 -24.22 -2.65
N ARG B 31 -11.07 -24.17 -1.73
CA ARG B 31 -10.95 -23.07 -0.77
C ARG B 31 -10.80 -21.70 -1.46
N ILE B 32 -10.34 -21.67 -2.70
CA ILE B 32 -10.44 -20.45 -3.50
C ILE B 32 -11.87 -20.32 -3.99
N THR B 33 -12.31 -21.31 -4.76
CA THR B 33 -13.65 -21.30 -5.34
C THR B 33 -14.67 -20.89 -4.30
N LYS B 34 -14.63 -21.54 -3.13
CA LYS B 34 -15.50 -21.18 -2.01
C LYS B 34 -15.37 -19.70 -1.67
N ILE B 35 -14.18 -19.28 -1.28
CA ILE B 35 -13.98 -17.88 -0.91
C ILE B 35 -14.61 -16.95 -1.97
N LEU B 36 -14.45 -17.31 -3.24
CA LEU B 36 -15.15 -16.63 -4.32
C LEU B 36 -16.67 -16.72 -4.13
N LEU B 37 -17.20 -17.93 -4.30
CA LEU B 37 -18.64 -18.11 -4.36
C LEU B 37 -19.31 -17.64 -3.08
N ASP B 38 -18.65 -17.85 -1.95
CA ASP B 38 -19.22 -17.49 -0.66
C ASP B 38 -19.40 -15.99 -0.57
N GLU B 39 -18.91 -15.28 -1.58
CA GLU B 39 -19.23 -13.87 -1.75
C GLU B 39 -20.61 -13.71 -2.38
N LEU B 40 -20.82 -14.46 -3.46
CA LEU B 40 -22.00 -14.32 -4.32
C LEU B 40 -23.24 -14.94 -3.72
N GLU B 41 -23.09 -16.15 -3.18
CA GLU B 41 -24.18 -16.81 -2.50
C GLU B 41 -24.62 -15.97 -1.30
N ASN B 42 -23.77 -15.05 -0.86
CA ASN B 42 -24.15 -14.04 0.12
C ASN B 42 -24.62 -12.73 -0.50
N VAL B 43 -24.44 -12.60 -1.81
CA VAL B 43 -24.96 -11.47 -2.56
C VAL B 43 -26.45 -11.62 -2.91
N ARG B 44 -26.80 -12.79 -3.43
CA ARG B 44 -28.19 -13.07 -3.78
C ARG B 44 -29.04 -13.33 -2.54
N GLU B 45 -28.41 -13.38 -1.38
CA GLU B 45 -29.12 -13.49 -0.10
C GLU B 45 -29.48 -12.12 0.45
N ASN B 46 -28.45 -11.36 0.78
CA ASN B 46 -28.61 -10.11 1.52
C ASN B 46 -29.43 -9.09 0.73
N GLU B 47 -29.23 -9.06 -0.57
CA GLU B 47 -29.99 -8.15 -1.42
C GLU B 47 -31.47 -8.50 -1.39
N GLN B 48 -31.76 -9.78 -1.21
CA GLN B 48 -33.08 -10.33 -1.56
C GLN B 48 -33.31 -9.85 -2.99
N ILE B 49 -32.25 -9.97 -3.80
CA ILE B 49 -32.18 -9.41 -5.17
C ILE B 49 -32.20 -7.89 -5.14
N ARG B 50 -32.49 -7.33 -3.97
CA ARG B 50 -32.58 -5.90 -3.75
C ARG B 50 -33.64 -5.27 -4.67
N ASN B 51 -34.49 -6.11 -5.26
CA ASN B 51 -35.67 -5.66 -6.02
C ASN B 51 -35.32 -4.75 -7.20
N ILE B 52 -34.06 -4.30 -7.22
CA ILE B 52 -33.63 -3.24 -8.12
C ILE B 52 -33.35 -3.76 -9.52
N ILE B 53 -32.80 -4.97 -9.59
CA ILE B 53 -32.35 -5.54 -10.87
C ILE B 53 -33.45 -5.49 -11.92
N ASN B 54 -34.69 -5.43 -11.46
CA ASN B 54 -35.88 -5.44 -12.32
C ASN B 54 -36.37 -4.04 -12.67
N SER B 55 -35.78 -3.04 -12.03
CA SER B 55 -35.99 -1.64 -12.40
C SER B 55 -34.91 -1.25 -13.40
N TRP B 56 -34.10 -2.25 -13.78
CA TRP B 56 -33.10 -2.14 -14.84
C TRP B 56 -33.73 -1.63 -16.13
N LYS B 57 -33.09 -0.63 -16.74
CA LYS B 57 -33.62 0.00 -17.94
C LYS B 57 -32.66 -0.21 -19.12
N PRO B 58 -33.05 -0.97 -20.16
CA PRO B 58 -32.17 -1.11 -21.34
C PRO B 58 -31.83 0.22 -22.03
N LEU B 59 -30.72 0.24 -22.77
CA LEU B 59 -29.98 1.48 -23.08
C LEU B 59 -30.58 2.48 -24.08
N PRO B 60 -30.47 3.79 -23.76
CA PRO B 60 -31.00 4.90 -24.57
C PRO B 60 -30.42 5.02 -25.99
N SER B 61 -30.92 6.03 -26.68
CA SER B 61 -30.64 6.22 -28.10
C SER B 61 -29.48 7.19 -28.29
N PRO B 62 -28.45 6.76 -29.04
CA PRO B 62 -27.21 7.51 -29.23
C PRO B 62 -27.45 8.97 -29.61
N GLU B 63 -26.74 9.88 -28.96
CA GLU B 63 -26.66 11.27 -29.40
C GLU B 63 -25.23 11.60 -29.86
N LYS B 64 -25.13 12.40 -30.92
CA LYS B 64 -23.83 12.76 -31.50
C LYS B 64 -23.08 13.76 -30.61
N SER B 65 -21.84 13.42 -30.25
CA SER B 65 -21.00 14.29 -29.44
C SER B 65 -19.60 14.39 -30.02
N SER B 66 -18.87 15.43 -29.63
CA SER B 66 -17.41 15.44 -29.77
C SER B 66 -16.82 15.05 -28.41
N ILE B 67 -15.79 14.20 -28.42
CA ILE B 67 -15.32 13.57 -27.17
C ILE B 67 -13.81 13.32 -27.11
N TYR B 68 -13.26 13.32 -25.89
CA TYR B 68 -11.86 12.89 -25.60
C TYR B 68 -11.84 11.90 -24.46
N ALA B 69 -11.21 10.75 -24.67
CA ALA B 69 -11.01 9.73 -23.64
C ALA B 69 -9.57 9.89 -23.23
N VAL B 70 -9.26 9.61 -21.97
CA VAL B 70 -7.88 9.72 -21.50
C VAL B 70 -7.52 8.67 -20.46
N ASP B 71 -6.30 8.19 -20.57
CA ASP B 71 -5.72 7.38 -19.52
C ASP B 71 -4.28 7.83 -19.32
N GLY B 72 -3.63 7.23 -18.35
CA GLY B 72 -2.23 7.51 -18.19
C GLY B 72 -1.70 6.21 -17.66
N SER B 73 -0.38 6.04 -17.73
CA SER B 73 0.30 4.90 -17.13
C SER B 73 1.64 5.34 -16.60
N ARG B 74 1.98 4.85 -15.42
CA ARG B 74 3.28 5.12 -14.81
C ARG B 74 4.16 3.86 -14.79
N SER B 75 5.47 4.06 -14.86
CA SER B 75 6.44 3.01 -14.57
C SER B 75 7.37 3.47 -13.45
N VAL B 76 7.70 2.57 -12.54
CA VAL B 76 8.69 2.93 -11.53
C VAL B 76 9.83 1.93 -11.46
N SER B 77 11.01 2.44 -11.12
CA SER B 77 12.13 1.61 -10.71
C SER B 77 12.81 2.28 -9.52
N ARG B 78 13.36 1.47 -8.64
CA ARG B 78 14.12 1.98 -7.50
C ARG B 78 15.62 1.95 -7.84
N LEU B 79 16.35 2.92 -7.33
CA LEU B 79 17.79 2.78 -7.22
C LEU B 79 18.10 3.12 -5.79
N SER B 80 18.54 2.12 -5.02
CA SER B 80 18.82 2.33 -3.61
C SER B 80 17.63 3.07 -2.96
N GLY B 81 17.93 4.18 -2.29
CA GLY B 81 16.89 4.93 -1.61
C GLY B 81 15.93 5.65 -2.54
N THR B 82 16.34 5.78 -3.80
CA THR B 82 15.67 6.69 -4.73
C THR B 82 14.69 5.96 -5.68
N VAL B 83 13.44 6.40 -5.71
CA VAL B 83 12.51 5.91 -6.74
C VAL B 83 12.54 6.82 -7.96
N ILE B 84 12.63 6.20 -9.13
CA ILE B 84 12.65 6.94 -10.39
C ILE B 84 11.44 6.53 -11.20
N TYR B 85 10.61 7.50 -11.59
CA TYR B 85 9.36 7.20 -12.29
C TYR B 85 9.12 8.09 -13.53
N PHE B 86 8.44 7.52 -14.52
CA PHE B 86 8.06 8.27 -15.71
C PHE B 86 6.54 8.16 -15.83
N LEU B 87 5.88 9.31 -15.67
CA LEU B 87 4.44 9.43 -15.84
C LEU B 87 4.10 9.79 -17.29
N SER B 88 3.05 9.18 -17.84
CA SER B 88 2.58 9.50 -19.18
C SER B 88 1.06 9.51 -19.18
N ALA B 89 0.46 10.49 -19.84
CA ALA B 89 -0.98 10.64 -19.84
C ALA B 89 -1.42 11.03 -21.24
N LEU B 90 -2.49 10.41 -21.71
CA LEU B 90 -2.82 10.50 -23.13
C LEU B 90 -4.31 10.73 -23.40
N ALA B 91 -4.60 11.70 -24.25
CA ALA B 91 -5.98 12.03 -24.61
C ALA B 91 -6.24 11.84 -26.10
N VAL B 92 -7.06 10.83 -26.41
CA VAL B 92 -7.46 10.54 -27.79
C VAL B 92 -8.92 10.85 -28.02
N GLY B 93 -9.26 11.26 -29.24
CA GLY B 93 -10.62 11.66 -29.49
C GLY B 93 -10.95 12.19 -30.88
N SER B 94 -12.00 13.00 -30.90
CA SER B 94 -12.54 13.60 -32.10
C SER B 94 -11.51 14.52 -32.76
N GLY B 95 -10.37 14.68 -32.08
CA GLY B 95 -9.39 15.70 -32.39
C GLY B 95 -8.04 15.09 -32.12
N LYS B 96 -6.98 15.88 -32.20
CA LYS B 96 -5.63 15.28 -32.30
C LYS B 96 -5.17 14.62 -31.02
N GLN B 97 -4.01 13.97 -31.09
CA GLN B 97 -3.53 13.19 -29.96
C GLN B 97 -2.74 14.08 -29.00
N LEU B 98 -3.24 14.21 -27.79
CA LEU B 98 -2.61 15.07 -26.79
C LEU B 98 -1.99 14.28 -25.65
N ARG B 99 -0.79 14.68 -25.26
CA ARG B 99 -0.01 13.90 -24.31
C ARG B 99 0.65 14.78 -23.23
N LEU B 100 0.49 14.38 -21.97
CA LEU B 100 1.33 14.94 -20.90
C LEU B 100 2.26 13.87 -20.29
N SER B 101 3.53 14.25 -20.11
CA SER B 101 4.48 13.33 -19.55
C SER B 101 5.38 14.05 -18.53
N TYR B 102 5.92 13.27 -17.60
CA TYR B 102 6.76 13.78 -16.53
C TYR B 102 7.71 12.71 -16.07
N ALA B 103 8.88 13.16 -15.63
CA ALA B 103 9.94 12.27 -15.22
C ALA B 103 10.52 12.88 -13.96
N ASN B 104 10.76 12.04 -12.97
CA ASN B 104 11.32 12.54 -11.75
C ASN B 104 12.00 11.44 -10.97
N ALA B 105 12.57 11.84 -9.84
CA ALA B 105 13.08 10.90 -8.87
C ALA B 105 12.73 11.50 -7.54
N ILE B 106 12.39 10.62 -6.61
CA ILE B 106 12.24 11.01 -5.24
C ILE B 106 12.65 9.79 -4.43
N LYS B 107 13.28 10.12 -3.29
CA LYS B 107 13.78 9.23 -2.23
C LYS B 107 12.59 8.52 -1.68
N SER B 108 12.80 7.35 -1.04
CA SER B 108 11.70 6.41 -0.76
C SER B 108 11.22 6.17 0.69
N ASN B 109 9.92 6.35 0.91
CA ASN B 109 9.16 5.69 1.95
C ASN B 109 8.42 4.65 1.13
N TYR B 110 8.40 3.38 1.55
CA TYR B 110 7.80 2.35 0.69
C TYR B 110 6.34 2.63 0.29
N GLY B 111 5.48 2.93 1.27
CA GLY B 111 4.14 3.41 0.98
C GLY B 111 4.02 4.83 0.43
N THR B 112 4.49 5.82 1.20
CA THR B 112 4.27 7.24 0.89
C THR B 112 4.68 7.64 -0.53
N SER B 113 5.76 7.04 -1.01
CA SER B 113 6.25 7.25 -2.36
C SER B 113 5.20 6.93 -3.42
N ASP B 114 4.83 5.65 -3.53
CA ASP B 114 3.87 5.21 -4.54
C ASP B 114 2.65 6.11 -4.55
N GLN B 115 2.19 6.48 -3.36
CA GLN B 115 0.99 7.30 -3.20
C GLN B 115 1.26 8.70 -3.74
N ILE B 116 2.51 9.12 -3.70
CA ILE B 116 2.88 10.38 -4.32
C ILE B 116 2.92 10.29 -5.86
N VAL B 117 3.46 9.20 -6.36
CA VAL B 117 3.56 9.03 -7.79
C VAL B 117 2.16 9.00 -8.38
N ARG B 118 1.28 8.23 -7.74
CA ARG B 118 -0.09 8.04 -8.21
C ARG B 118 -0.88 9.35 -8.15
N MET B 119 -0.51 10.22 -7.21
CA MET B 119 -1.19 11.50 -7.10
C MET B 119 -0.83 12.33 -8.33
N GLN B 120 0.47 12.49 -8.54
CA GLN B 120 0.97 13.10 -9.75
C GLN B 120 0.33 12.44 -10.96
N MET B 121 0.28 11.12 -11.01
CA MET B 121 -0.33 10.46 -12.16
C MET B 121 -1.74 10.96 -12.34
N GLU B 122 -2.49 10.96 -11.24
CA GLU B 122 -3.90 11.34 -11.26
C GLU B 122 -4.03 12.82 -11.67
N THR B 123 -3.13 13.64 -11.11
CA THR B 123 -3.07 15.06 -11.42
C THR B 123 -2.85 15.35 -12.89
N LEU B 124 -2.05 14.51 -13.56
CA LEU B 124 -1.78 14.64 -14.99
C LEU B 124 -3.02 14.38 -15.81
N GLU B 125 -3.79 13.36 -15.39
CA GLU B 125 -5.06 13.04 -16.02
C GLU B 125 -6.02 14.24 -15.85
N ASN B 126 -6.30 14.62 -14.60
CA ASN B 126 -7.24 15.72 -14.31
C ASN B 126 -6.95 16.93 -15.17
N MET B 127 -5.69 17.31 -15.22
CA MET B 127 -5.27 18.39 -16.09
C MET B 127 -5.64 18.07 -17.51
N LEU B 128 -5.04 17.01 -18.05
CA LEU B 128 -5.27 16.65 -19.44
C LEU B 128 -6.76 16.64 -19.74
N GLY B 129 -7.54 16.10 -18.81
CA GLY B 129 -8.97 16.00 -19.03
C GLY B 129 -9.58 17.35 -19.34
N TYR B 130 -9.38 18.33 -18.45
CA TYR B 130 -9.99 19.67 -18.60
C TYR B 130 -9.44 20.45 -19.81
N LEU B 131 -8.12 20.57 -19.90
CA LEU B 131 -7.50 21.19 -21.06
C LEU B 131 -8.14 20.62 -22.33
N ALA B 132 -8.33 19.31 -22.37
CA ALA B 132 -8.98 18.68 -23.52
C ALA B 132 -10.39 19.19 -23.77
N TYR B 133 -11.14 19.44 -22.69
CA TYR B 133 -12.48 19.99 -22.81
C TYR B 133 -12.42 21.31 -23.61
N ARG B 134 -11.62 22.25 -23.13
CA ARG B 134 -11.47 23.56 -23.74
C ARG B 134 -11.20 23.57 -25.27
N LYS B 135 -10.37 22.65 -25.75
CA LYS B 135 -10.11 22.60 -27.18
C LYS B 135 -11.08 21.69 -27.96
N LEU B 136 -12.13 21.23 -27.29
CA LEU B 136 -13.17 20.45 -27.96
C LEU B 136 -14.32 21.34 -28.48
N GLU B 137 -14.45 21.44 -29.81
CA GLU B 137 -15.60 22.14 -30.42
C GLU B 137 -16.79 21.21 -30.64
N GLY B 138 -18.00 21.72 -30.43
CA GLY B 138 -19.19 20.96 -30.71
C GLY B 138 -20.44 21.50 -30.04
N GLU B 139 -21.58 20.94 -30.40
CA GLU B 139 -22.80 21.18 -29.64
C GLU B 139 -22.68 20.34 -28.38
N LYS B 140 -22.33 19.07 -28.57
CA LYS B 140 -22.29 18.12 -27.47
C LYS B 140 -20.87 17.67 -27.12
N ARG B 141 -20.36 18.18 -26.00
CA ARG B 141 -18.97 17.97 -25.61
C ARG B 141 -18.84 17.15 -24.31
N ALA B 142 -18.07 16.04 -24.37
CA ALA B 142 -17.89 15.16 -23.22
C ALA B 142 -16.47 14.66 -23.05
N ILE B 143 -16.15 14.32 -21.80
CA ILE B 143 -14.86 13.74 -21.41
C ILE B 143 -15.05 12.41 -20.69
N LEU B 144 -14.27 11.43 -21.09
CA LEU B 144 -14.32 10.09 -20.52
C LEU B 144 -13.04 9.85 -19.73
N MET B 145 -13.17 9.27 -18.53
CA MET B 145 -12.00 8.97 -17.69
C MET B 145 -11.90 7.48 -17.38
N ASP B 146 -10.70 7.04 -16.99
CA ASP B 146 -10.37 5.62 -16.94
C ASP B 146 -10.69 4.88 -15.64
N GLY B 147 -11.36 5.56 -14.71
CA GLY B 147 -11.55 5.09 -13.33
C GLY B 147 -12.81 5.66 -12.65
N THR B 148 -12.94 5.51 -11.34
CA THR B 148 -14.10 6.09 -10.67
C THR B 148 -13.84 7.50 -10.07
N LEU B 149 -14.83 8.36 -10.20
CA LEU B 149 -14.78 9.66 -9.53
C LEU B 149 -14.77 9.48 -8.02
N THR B 150 -15.63 8.58 -7.54
CA THR B 150 -15.67 8.20 -6.13
C THR B 150 -14.26 7.95 -5.62
N GLY B 151 -13.62 6.86 -6.08
CA GLY B 151 -12.39 6.36 -5.49
C GLY B 151 -11.32 7.40 -5.16
N SER B 152 -11.23 8.43 -6.01
CA SER B 152 -10.36 9.56 -5.74
C SER B 152 -10.71 10.30 -4.44
N LEU B 153 -11.95 10.78 -4.33
CA LEU B 153 -12.35 11.64 -3.20
C LEU B 153 -12.83 10.93 -1.92
N VAL B 154 -13.14 9.63 -2.01
CA VAL B 154 -13.47 8.87 -0.80
C VAL B 154 -12.23 8.57 0.06
N ARG B 155 -11.20 8.00 -0.54
CA ARG B 155 -9.90 7.91 0.13
C ARG B 155 -8.80 8.61 -0.67
N PRO B 156 -8.31 9.76 -0.17
CA PRO B 156 -7.19 10.44 -0.83
C PRO B 156 -5.96 9.56 -0.80
N PRO B 157 -5.23 9.45 -1.92
CA PRO B 157 -4.01 8.67 -1.74
C PRO B 157 -3.14 9.39 -0.73
N VAL B 158 -2.05 8.77 -0.32
CA VAL B 158 -1.15 9.40 0.64
C VAL B 158 -1.93 10.00 1.82
N TYR B 159 -2.96 9.28 2.26
CA TYR B 159 -3.86 9.80 3.28
C TYR B 159 -3.18 10.07 4.63
N PRO B 160 -2.56 9.03 5.21
CA PRO B 160 -1.85 9.41 6.43
C PRO B 160 -0.52 10.07 6.08
N GLU B 161 -0.55 10.97 5.11
CA GLU B 161 0.53 11.94 4.89
C GLU B 161 -0.02 13.34 4.53
N ASP B 162 -0.76 13.40 3.43
CA ASP B 162 -1.38 14.65 3.00
C ASP B 162 -2.08 15.45 4.11
N ILE B 163 -3.17 14.93 4.66
CA ILE B 163 -3.83 15.67 5.73
C ILE B 163 -2.87 16.00 6.89
N ARG B 164 -2.05 15.04 7.30
CA ARG B 164 -1.11 15.31 8.37
C ARG B 164 -0.19 16.47 7.95
N SER B 165 0.37 16.40 6.74
CA SER B 165 1.31 17.40 6.24
C SER B 165 0.79 18.84 6.16
N LEU B 166 -0.50 19.02 5.85
CA LEU B 166 -1.12 20.35 5.78
C LEU B 166 -1.29 21.01 7.14
N ASN B 167 -1.65 20.20 8.12
CA ASN B 167 -1.79 20.67 9.48
C ASN B 167 -0.40 20.90 10.03
N VAL B 168 0.51 20.02 9.68
CA VAL B 168 1.90 20.24 10.05
C VAL B 168 2.35 21.59 9.50
N MET B 169 2.03 21.88 8.24
CA MET B 169 2.39 23.16 7.63
C MET B 169 1.68 24.34 8.30
N ARG B 170 0.36 24.26 8.37
CA ARG B 170 -0.41 25.32 9.01
C ARG B 170 0.12 25.63 10.41
N ALA B 171 0.47 24.59 11.17
CA ALA B 171 0.93 24.81 12.52
C ALA B 171 2.34 25.41 12.48
N LEU B 172 3.10 25.00 11.46
CA LEU B 172 4.44 25.51 11.24
C LEU B 172 4.46 27.03 11.11
N ILE B 173 3.92 27.55 10.01
CA ILE B 173 4.07 28.95 9.64
C ILE B 173 2.95 29.83 10.14
N GLY B 174 1.97 29.25 10.80
CA GLY B 174 0.84 30.03 11.29
C GLY B 174 -0.39 29.98 10.40
N GLU B 175 -1.54 30.36 10.94
CA GLU B 175 -2.80 30.14 10.23
C GLU B 175 -3.02 31.05 9.02
N SER B 176 -2.65 32.32 9.18
CA SER B 176 -2.75 33.31 8.11
C SER B 176 -1.64 33.20 7.07
N ASP B 177 -0.39 33.15 7.53
CA ASP B 177 0.75 32.99 6.63
C ASP B 177 0.44 31.86 5.65
N PHE B 178 -0.18 30.81 6.19
CA PHE B 178 -0.62 29.68 5.39
C PHE B 178 -1.52 30.11 4.24
N GLU B 179 -2.60 30.82 4.58
CA GLU B 179 -3.60 31.27 3.61
C GLU B 179 -2.99 31.93 2.37
N ASN B 180 -2.10 32.89 2.60
CA ASN B 180 -1.36 33.52 1.52
C ASN B 180 -0.62 32.50 0.67
N LEU B 181 0.07 31.59 1.35
CA LEU B 181 0.81 30.51 0.70
C LEU B 181 -0.09 29.76 -0.28
N LEU B 182 -1.23 29.28 0.24
CA LEU B 182 -2.30 28.68 -0.56
C LEU B 182 -2.64 29.57 -1.74
N ASN B 183 -2.92 30.84 -1.45
CA ASN B 183 -3.25 31.77 -2.53
C ASN B 183 -2.12 32.01 -3.52
N GLU B 184 -0.94 32.34 -3.03
CA GLU B 184 0.17 32.51 -3.93
C GLU B 184 0.22 31.31 -4.85
N PHE B 185 0.19 30.13 -4.24
CA PHE B 185 0.39 28.88 -4.98
C PHE B 185 -0.66 28.60 -6.05
N LEU B 186 -1.93 28.83 -5.71
CA LEU B 186 -3.01 28.72 -6.67
C LEU B 186 -2.77 29.64 -7.87
N GLU B 187 -2.39 30.86 -7.54
CA GLU B 187 -2.09 31.86 -8.56
C GLU B 187 -1.03 31.32 -9.50
N LYS B 188 0.10 30.91 -8.94
CA LYS B 188 1.12 30.22 -9.73
C LYS B 188 0.48 29.12 -10.61
N LEU B 189 -0.48 28.38 -10.04
CA LEU B 189 -1.17 27.26 -10.70
C LEU B 189 -2.08 27.66 -11.86
N ARG B 190 -2.94 28.65 -11.64
CA ARG B 190 -3.72 29.24 -12.73
C ARG B 190 -2.76 29.58 -13.90
N ASP B 191 -1.67 30.27 -13.57
CA ASP B 191 -0.72 30.69 -14.57
C ASP B 191 -0.15 29.51 -15.26
N HIS B 192 0.02 28.45 -14.47
CA HIS B 192 0.58 27.21 -14.95
C HIS B 192 -0.26 26.65 -16.09
N TYR B 193 -1.54 26.44 -15.82
CA TYR B 193 -2.44 25.81 -16.78
C TYR B 193 -2.45 26.54 -18.14
N ARG B 194 -2.56 27.87 -18.08
CA ARG B 194 -2.46 28.67 -19.29
C ARG B 194 -1.14 28.39 -20.02
N LYS B 195 -0.02 28.41 -19.29
CA LYS B 195 1.31 28.19 -19.86
C LYS B 195 1.44 26.80 -20.44
N VAL B 196 0.83 25.83 -19.77
CA VAL B 196 0.72 24.51 -20.36
C VAL B 196 -0.13 24.64 -21.61
N GLU B 197 -1.31 25.26 -21.48
CA GLU B 197 -2.31 25.22 -22.54
C GLU B 197 -1.67 25.54 -23.89
N GLU B 198 -0.66 26.41 -23.87
CA GLU B 198 0.05 26.78 -25.10
C GLU B 198 0.72 25.60 -25.80
N HIS B 199 1.56 24.86 -25.08
CA HIS B 199 2.35 23.79 -25.71
C HIS B 199 1.49 22.68 -26.27
N LEU B 200 0.25 22.56 -25.79
CA LEU B 200 -0.65 21.56 -26.34
C LEU B 200 -1.15 22.00 -27.71
N GLU B 201 -1.34 23.30 -27.89
CA GLU B 201 -1.61 23.85 -29.21
C GLU B 201 -0.49 23.47 -30.18
N LYS B 202 0.71 24.02 -29.95
CA LYS B 202 1.84 23.85 -30.88
C LYS B 202 2.18 22.39 -31.16
N ASN B 203 2.71 21.73 -30.13
CA ASN B 203 3.13 20.34 -30.25
C ASN B 203 2.13 19.26 -29.81
N GLY B 204 1.04 19.65 -29.16
CA GLY B 204 0.14 18.66 -28.58
C GLY B 204 0.80 17.67 -27.61
N ASN B 205 1.78 18.16 -26.85
CA ASN B 205 2.42 17.40 -25.79
C ASN B 205 3.09 18.35 -24.80
N TYR B 206 3.34 17.88 -23.57
CA TYR B 206 4.11 18.64 -22.59
C TYR B 206 5.00 17.79 -21.67
N ASP B 207 6.26 18.19 -21.54
CA ASP B 207 7.22 17.47 -20.72
C ASP B 207 7.27 17.97 -19.26
N SER B 208 6.43 18.92 -18.88
CA SER B 208 6.38 19.36 -17.48
C SER B 208 4.98 19.67 -16.93
N PRO B 209 4.10 18.66 -16.95
CA PRO B 209 2.72 18.94 -16.55
C PRO B 209 2.69 19.34 -15.10
N ILE B 210 3.69 18.91 -14.34
CA ILE B 210 3.70 19.04 -12.89
C ILE B 210 4.43 20.30 -12.43
N LEU B 211 3.80 21.00 -11.50
CA LEU B 211 4.26 22.30 -11.01
C LEU B 211 5.06 22.16 -9.73
N THR B 212 4.46 21.55 -8.71
CA THR B 212 5.01 21.59 -7.35
C THR B 212 6.53 21.42 -7.32
N ASP B 213 7.02 20.40 -8.00
CA ASP B 213 8.45 20.05 -7.95
C ASP B 213 9.38 21.27 -8.13
N ASN B 214 9.30 21.92 -9.29
CA ASN B 214 10.21 23.02 -9.65
C ASN B 214 10.07 24.23 -8.75
N VAL B 215 8.85 24.47 -8.33
CA VAL B 215 8.53 25.67 -7.60
C VAL B 215 8.65 25.48 -6.08
N VAL B 216 8.90 24.25 -5.64
CA VAL B 216 8.89 24.01 -4.20
C VAL B 216 10.01 24.74 -3.47
N GLU B 217 11.23 24.72 -4.02
CA GLU B 217 12.39 25.32 -3.33
C GLU B 217 12.14 26.79 -3.03
N LYS B 218 11.83 27.54 -4.07
CA LYS B 218 11.50 28.95 -3.93
C LYS B 218 10.59 29.17 -2.73
N LEU B 219 9.40 28.58 -2.79
CA LEU B 219 8.39 28.78 -1.77
C LEU B 219 8.92 28.55 -0.37
N ARG B 220 9.59 27.43 -0.17
CA ARG B 220 10.15 27.11 1.13
C ARG B 220 10.83 28.32 1.73
N LYS B 221 11.90 28.78 1.09
CA LYS B 221 12.75 29.82 1.68
C LYS B 221 12.02 31.13 1.96
N LYS B 222 10.99 31.40 1.15
CA LYS B 222 10.06 32.48 1.45
C LYS B 222 9.29 32.30 2.77
N TYR B 223 8.39 31.34 2.81
CA TYR B 223 7.49 31.15 3.96
C TYR B 223 8.18 30.44 5.11
N ILE B 224 9.05 29.51 4.77
CA ILE B 224 9.70 28.64 5.75
C ILE B 224 10.98 29.22 6.30
N ASP B 225 11.97 29.33 5.42
CA ASP B 225 13.35 29.53 5.85
C ASP B 225 13.52 30.69 6.83
N THR B 226 12.64 31.67 6.76
CA THR B 226 12.63 32.71 7.77
C THR B 226 12.46 32.11 9.17
N LYS B 227 11.26 31.58 9.41
CA LYS B 227 10.85 31.01 10.69
C LYS B 227 11.75 29.89 11.27
N VAL B 228 12.13 28.92 10.43
CA VAL B 228 12.99 27.83 10.87
C VAL B 228 14.30 28.32 11.48
N ILE B 229 14.78 27.56 12.46
CA ILE B 229 16.10 27.74 13.05
C ILE B 229 16.63 26.32 13.33
N ALA B 230 17.91 26.08 13.08
CA ALA B 230 18.48 24.74 13.24
C ALA B 230 18.78 24.38 14.70
N LYS B 235 15.81 20.32 14.84
CA LYS B 235 14.41 20.00 15.07
C LYS B 235 13.65 21.19 15.67
N VAL B 236 12.32 21.08 15.80
CA VAL B 236 11.48 22.20 16.24
C VAL B 236 10.02 21.84 16.49
N LYS B 237 9.34 22.74 17.19
CA LYS B 237 8.13 22.42 17.92
C LYS B 237 6.84 22.92 17.26
N VAL B 238 6.01 21.97 16.84
CA VAL B 238 4.65 22.27 16.43
C VAL B 238 3.70 21.50 17.33
N LYS B 239 2.48 22.00 17.42
CA LYS B 239 1.40 21.29 18.11
C LYS B 239 0.22 21.21 17.15
N ILE B 240 -0.37 20.02 17.04
CA ILE B 240 -1.58 19.84 16.26
C ILE B 240 -2.58 18.95 17.04
N PRO B 241 -3.80 18.76 16.50
CA PRO B 241 -4.75 17.90 17.22
C PRO B 241 -4.44 16.42 17.04
N ARG B 242 -4.87 15.58 17.98
CA ARG B 242 -4.61 14.14 17.89
C ARG B 242 -5.29 13.58 16.64
N LYS B 243 -6.20 14.39 16.09
CA LYS B 243 -7.04 13.92 15.01
C LYS B 243 -6.46 14.10 13.62
N ALA B 244 -5.28 14.70 13.52
CA ALA B 244 -4.68 14.97 12.23
C ALA B 244 -4.01 13.71 11.68
N LEU B 245 -4.13 12.60 12.41
CA LEU B 245 -3.68 11.27 11.94
C LEU B 245 -4.68 10.08 12.05
N GLY B 246 -5.09 9.76 13.29
CA GLY B 246 -5.70 8.47 13.62
C GLY B 246 -7.15 8.21 13.24
N TYR B 247 -7.80 7.30 13.97
CA TYR B 247 -7.32 6.81 15.27
C TYR B 247 -6.25 5.70 15.20
N SER B 248 -6.66 4.45 14.93
CA SER B 248 -5.75 3.31 14.73
C SER B 248 -4.76 2.90 15.87
N PRO B 249 -5.27 2.32 16.98
CA PRO B 249 -6.68 2.13 17.39
C PRO B 249 -7.32 3.44 17.89
N ARG B 250 -8.62 3.71 17.65
CA ARG B 250 -9.69 2.76 17.30
C ARG B 250 -10.25 2.04 18.55
N VAL B 251 -9.53 2.12 19.66
CA VAL B 251 -10.03 1.63 20.94
C VAL B 251 -9.63 2.67 21.95
N ILE B 252 -10.05 2.50 23.20
CA ILE B 252 -9.55 3.38 24.24
C ILE B 252 -9.42 2.63 25.56
N PRO B 253 -8.37 2.92 26.33
CA PRO B 253 -8.15 2.32 27.64
C PRO B 253 -9.39 2.47 28.49
N ILE B 254 -9.67 1.52 29.37
CA ILE B 254 -10.73 1.67 30.35
C ILE B 254 -10.33 2.75 31.37
N GLU B 255 -9.04 2.76 31.70
CA GLU B 255 -8.49 3.54 32.81
C GLU B 255 -8.82 5.04 32.72
N VAL B 256 -9.06 5.52 31.51
CA VAL B 256 -9.37 6.93 31.31
C VAL B 256 -10.75 7.31 31.83
N LEU B 257 -11.74 6.44 31.60
CA LEU B 257 -13.09 6.72 32.07
C LEU B 257 -13.12 6.95 33.57
N GLU B 258 -12.34 6.15 34.32
CA GLU B 258 -12.18 6.38 35.75
C GLU B 258 -11.44 7.70 35.99
N SER B 259 -10.30 7.88 35.31
CA SER B 259 -9.46 9.07 35.49
C SER B 259 -10.23 10.38 35.21
N SER B 260 -10.94 10.42 34.08
CA SER B 260 -11.88 11.50 33.81
C SER B 260 -13.31 10.98 34.08
N ARG B 261 -13.89 11.42 35.18
CA ARG B 261 -15.23 10.98 35.58
C ARG B 261 -15.97 12.12 36.27
N GLY B 262 -17.23 11.89 36.65
CA GLY B 262 -18.10 12.96 37.08
C GLY B 262 -18.38 13.90 35.92
N LYS B 263 -17.86 13.54 34.75
CA LYS B 263 -18.13 14.31 33.55
C LYS B 263 -19.19 13.60 32.72
N SER B 264 -19.60 14.24 31.63
CA SER B 264 -20.52 13.66 30.67
C SER B 264 -19.73 13.08 29.49
N VAL B 265 -20.23 11.97 28.94
CA VAL B 265 -19.61 11.39 27.77
C VAL B 265 -19.39 12.48 26.74
N ASP B 266 -20.28 13.47 26.72
CA ASP B 266 -20.13 14.55 25.77
C ASP B 266 -18.94 15.44 26.11
N GLU B 267 -18.77 15.74 27.40
CA GLU B 267 -17.66 16.58 27.82
C GLU B 267 -16.33 15.91 27.44
N LEU B 268 -16.25 14.65 27.78
CA LEU B 268 -15.08 13.86 27.46
C LEU B 268 -14.79 13.86 25.96
N LEU B 269 -15.72 13.39 25.14
CA LEU B 269 -15.48 13.30 23.70
C LEU B 269 -14.96 14.62 23.15
N GLN B 270 -15.54 15.73 23.62
CA GLN B 270 -15.01 17.06 23.33
C GLN B 270 -13.49 17.07 23.54
N GLU B 271 -13.07 16.99 24.81
CA GLU B 271 -11.65 16.98 25.15
C GLU B 271 -10.85 15.97 24.31
N LEU B 272 -11.40 14.79 24.12
CA LEU B 272 -10.73 13.76 23.33
C LEU B 272 -10.39 14.20 21.90
N ASP B 273 -11.43 14.51 21.14
CA ASP B 273 -11.29 14.83 19.73
C ASP B 273 -10.54 16.14 19.60
N GLU B 274 -10.70 16.99 20.61
CA GLU B 274 -10.13 18.32 20.63
C GLU B 274 -8.62 18.31 20.82
N GLU B 275 -8.16 17.53 21.79
CA GLU B 275 -6.85 17.72 22.40
C GLU B 275 -5.66 17.85 21.47
N LYS B 276 -4.81 18.80 21.82
CA LYS B 276 -3.58 19.09 21.10
C LYS B 276 -2.48 18.17 21.59
N VAL B 277 -1.76 17.58 20.66
CA VAL B 277 -0.55 16.85 20.97
C VAL B 277 0.58 17.71 20.41
N GLU B 278 1.76 17.63 21.03
CA GLU B 278 2.91 18.43 20.59
C GLU B 278 3.78 17.56 19.70
N LEU B 279 4.94 18.05 19.28
CA LEU B 279 5.71 17.32 18.28
C LEU B 279 6.96 18.09 17.83
N TYR B 280 7.93 17.37 17.26
CA TYR B 280 9.19 17.98 16.85
C TYR B 280 9.55 17.66 15.40
N LEU B 281 10.14 18.63 14.72
CA LEU B 281 10.37 18.53 13.28
C LEU B 281 11.77 18.94 12.82
N GLY B 282 12.46 18.00 12.17
CA GLY B 282 13.70 18.32 11.52
C GLY B 282 13.45 19.17 10.28
N LYS B 283 14.52 19.46 9.56
CA LYS B 283 14.45 20.29 8.36
C LYS B 283 13.86 19.55 7.18
N ASP B 284 14.33 18.32 6.95
CA ASP B 284 13.73 17.57 5.85
C ASP B 284 12.23 17.37 6.10
N ASP B 285 11.89 16.98 7.32
CA ASP B 285 10.50 16.82 7.74
C ASP B 285 9.64 18.03 7.34
N ILE B 286 10.15 19.22 7.59
CA ILE B 286 9.52 20.45 7.16
C ILE B 286 9.48 20.50 5.66
N TYR B 287 10.63 20.34 5.06
CA TYR B 287 10.78 20.50 3.62
C TYR B 287 9.88 19.51 2.87
N ASP B 288 9.62 18.36 3.48
CA ASP B 288 8.70 17.37 2.91
C ASP B 288 7.25 17.76 3.07
N ALA B 289 6.88 18.13 4.30
CA ALA B 289 5.53 18.60 4.57
C ALA B 289 5.20 19.64 3.52
N LEU B 290 6.09 20.59 3.32
CA LEU B 290 5.88 21.61 2.28
C LEU B 290 5.56 20.94 0.95
N HIS B 291 6.52 20.18 0.44
CA HIS B 291 6.29 19.46 -0.81
C HIS B 291 4.91 18.73 -0.86
N MET B 292 4.61 17.95 0.18
CA MET B 292 3.38 17.18 0.24
C MET B 292 2.18 18.10 0.08
N THR B 293 2.17 19.12 0.94
CA THR B 293 1.13 20.13 0.98
C THR B 293 0.87 20.66 -0.42
N LEU B 294 1.94 21.06 -1.10
CA LEU B 294 1.80 21.58 -2.45
C LEU B 294 1.23 20.55 -3.40
N SER B 295 1.94 19.43 -3.50
CA SER B 295 1.57 18.39 -4.43
C SER B 295 0.11 18.04 -4.18
N TYR B 296 -0.28 18.04 -2.91
CA TYR B 296 -1.68 17.80 -2.56
C TYR B 296 -2.57 18.91 -3.08
N ILE B 297 -2.15 20.15 -2.84
CA ILE B 297 -2.88 21.31 -3.35
C ILE B 297 -3.01 21.27 -4.87
N GLU B 298 -1.92 20.91 -5.54
CA GLU B 298 -1.94 20.90 -6.98
C GLU B 298 -2.99 19.91 -7.46
N TYR B 299 -2.89 18.70 -6.93
CA TYR B 299 -3.81 17.61 -7.24
C TYR B 299 -5.25 18.07 -7.09
N LEU B 300 -5.59 18.55 -5.89
CA LEU B 300 -6.91 19.14 -5.65
C LEU B 300 -7.30 20.13 -6.74
N TYR B 301 -6.39 21.02 -7.06
CA TYR B 301 -6.68 22.10 -7.96
C TYR B 301 -6.99 21.56 -9.33
N SER B 302 -6.48 20.37 -9.65
CA SER B 302 -6.83 19.76 -10.92
C SER B 302 -8.18 19.03 -10.87
N ILE B 303 -8.66 18.66 -9.69
CA ILE B 303 -9.97 18.02 -9.59
C ILE B 303 -11.02 19.10 -9.71
N ASP B 304 -10.74 20.22 -9.06
CA ASP B 304 -11.58 21.39 -9.19
C ASP B 304 -11.64 21.75 -10.67
N LYS B 305 -10.51 22.17 -11.21
CA LYS B 305 -10.47 22.66 -12.57
C LYS B 305 -10.92 21.61 -13.55
N LEU B 306 -11.03 20.35 -13.10
CA LEU B 306 -11.61 19.30 -13.94
C LEU B 306 -13.13 19.23 -13.85
N LEU B 307 -13.67 19.36 -12.64
CA LEU B 307 -15.12 19.29 -12.41
C LEU B 307 -15.87 20.31 -13.29
N GLU B 308 -15.18 21.39 -13.65
CA GLU B 308 -15.73 22.40 -14.54
C GLU B 308 -16.26 21.80 -15.86
N VAL B 309 -15.77 20.62 -16.23
CA VAL B 309 -16.30 19.94 -17.40
C VAL B 309 -17.79 19.65 -17.25
N LYS B 310 -18.57 20.14 -18.23
CA LYS B 310 -20.04 20.03 -18.23
C LYS B 310 -20.57 18.59 -18.16
N ASN B 311 -20.11 17.74 -19.06
CA ASN B 311 -20.41 16.33 -18.97
C ASN B 311 -19.15 15.55 -18.68
N LEU B 312 -19.02 15.10 -17.45
CA LEU B 312 -17.82 14.43 -17.02
C LEU B 312 -18.14 12.97 -16.92
N ALA B 313 -17.41 12.14 -17.65
CA ALA B 313 -17.72 10.73 -17.63
C ALA B 313 -16.57 9.88 -17.06
N TYR B 314 -16.88 9.12 -16.02
CA TYR B 314 -15.91 8.22 -15.41
C TYR B 314 -16.31 6.80 -15.72
N ILE B 315 -15.44 6.06 -16.38
CA ILE B 315 -15.74 4.65 -16.63
C ILE B 315 -14.74 3.76 -15.92
N ALA B 316 -15.21 2.72 -15.25
CA ALA B 316 -14.29 1.69 -14.76
C ALA B 316 -14.85 0.27 -14.82
N LYS B 317 -14.12 -0.65 -15.48
CA LYS B 317 -14.48 -2.07 -15.51
C LYS B 317 -14.49 -2.69 -14.10
N SER B 318 -13.48 -2.35 -13.30
CA SER B 318 -13.44 -2.78 -11.92
C SER B 318 -13.06 -1.66 -10.95
N PHE B 319 -14.00 -1.33 -10.07
CA PHE B 319 -13.63 -0.74 -8.80
C PHE B 319 -14.06 -1.70 -7.71
N TYR B 320 -13.75 -1.39 -6.45
CA TYR B 320 -14.28 -2.21 -5.39
C TYR B 320 -15.09 -1.37 -4.43
N THR B 321 -16.07 -2.02 -3.82
CA THR B 321 -17.16 -1.35 -3.12
C THR B 321 -16.86 -0.97 -1.67
N LYS B 322 -15.80 -1.56 -1.09
CA LYS B 322 -15.48 -1.35 0.32
C LYS B 322 -15.36 0.14 0.71
N THR B 323 -15.95 0.49 1.87
CA THR B 323 -16.05 1.87 2.38
C THR B 323 -17.07 2.74 1.63
N LEU B 324 -17.54 2.22 0.50
CA LEU B 324 -18.57 2.90 -0.30
C LEU B 324 -19.98 2.54 0.19
N ALA B 325 -20.30 1.25 0.19
CA ALA B 325 -21.57 0.79 0.72
C ALA B 325 -21.74 1.40 2.11
N ARG B 326 -20.60 1.67 2.74
CA ARG B 326 -20.57 2.40 4.00
C ARG B 326 -21.30 3.75 3.88
N THR B 327 -20.71 4.73 3.20
CA THR B 327 -21.32 6.08 3.16
C THR B 327 -22.27 6.28 1.99
N VAL B 330 -24.90 4.14 0.18
CA VAL B 330 -25.17 2.91 0.94
C VAL B 330 -24.86 1.65 0.10
N GLU B 331 -25.53 0.53 0.43
CA GLU B 331 -25.16 -0.79 -0.08
C GLU B 331 -25.10 -0.90 -1.61
N ILE B 332 -23.94 -1.33 -2.10
CA ILE B 332 -23.74 -1.56 -3.54
C ILE B 332 -22.81 -2.75 -3.75
N VAL B 333 -22.63 -3.18 -5.01
CA VAL B 333 -21.85 -4.39 -5.30
C VAL B 333 -20.90 -4.25 -6.48
N ASP B 334 -19.79 -4.98 -6.43
CA ASP B 334 -18.84 -4.91 -7.51
C ASP B 334 -19.49 -5.39 -8.80
N THR B 335 -19.21 -4.67 -9.89
CA THR B 335 -19.73 -5.01 -11.22
C THR B 335 -19.58 -6.49 -11.50
N ALA B 336 -18.34 -6.97 -11.55
CA ALA B 336 -18.09 -8.34 -11.90
C ALA B 336 -19.06 -9.23 -11.16
N LEU B 337 -19.16 -9.02 -9.85
CA LEU B 337 -20.09 -9.77 -9.03
C LEU B 337 -21.46 -9.66 -9.65
N LEU B 338 -21.98 -8.43 -9.72
CA LEU B 338 -23.31 -8.20 -10.28
C LEU B 338 -23.52 -8.91 -11.62
N ASP B 339 -22.57 -8.72 -12.51
CA ASP B 339 -22.59 -9.29 -13.85
C ASP B 339 -23.06 -10.73 -13.78
N ALA B 340 -22.52 -11.47 -12.82
CA ALA B 340 -22.88 -12.87 -12.65
C ALA B 340 -24.28 -13.04 -12.05
N VAL B 341 -24.59 -12.25 -11.02
CA VAL B 341 -25.93 -12.24 -10.42
C VAL B 341 -27.03 -12.25 -11.48
N ILE B 342 -27.04 -11.25 -12.34
CA ILE B 342 -28.04 -11.18 -13.39
C ILE B 342 -28.03 -12.38 -14.33
N ARG B 343 -26.86 -12.80 -14.81
CA ARG B 343 -26.79 -13.85 -15.82
C ARG B 343 -27.09 -15.27 -15.30
N THR B 344 -26.86 -15.48 -14.00
CA THR B 344 -27.22 -16.74 -13.34
C THR B 344 -28.54 -16.70 -12.55
N LEU B 345 -29.24 -15.57 -12.54
CA LEU B 345 -30.53 -15.43 -11.85
C LEU B 345 -31.64 -14.97 -12.78
N ILE B 346 -31.51 -13.74 -13.29
CA ILE B 346 -32.49 -13.19 -14.21
C ILE B 346 -32.12 -13.52 -15.67
N GLY B 347 -31.05 -14.29 -15.85
CA GLY B 347 -30.73 -14.93 -17.11
C GLY B 347 -30.17 -14.09 -18.25
N HIS B 348 -30.16 -12.78 -18.07
CA HIS B 348 -29.98 -11.84 -19.18
C HIS B 348 -28.83 -12.10 -20.14
N GLU B 349 -27.60 -11.85 -19.68
CA GLU B 349 -26.45 -11.72 -20.58
C GLU B 349 -26.78 -10.61 -21.58
N LYS B 350 -27.59 -9.65 -21.11
CA LYS B 350 -28.21 -8.67 -22.00
C LYS B 350 -27.63 -7.27 -21.85
N GLU B 351 -27.59 -6.54 -22.96
CA GLU B 351 -27.07 -5.17 -22.97
C GLU B 351 -28.08 -4.17 -22.38
N GLY B 352 -27.56 -3.07 -21.82
CA GLY B 352 -28.36 -2.05 -21.16
C GLY B 352 -27.63 -1.30 -20.05
N TYR B 353 -28.37 -0.64 -19.16
CA TYR B 353 -27.79 0.12 -18.03
C TYR B 353 -28.67 0.09 -16.77
N LEU B 354 -28.06 0.10 -15.58
CA LEU B 354 -28.84 0.26 -14.35
C LEU B 354 -28.35 1.41 -13.47
N GLU B 355 -29.18 2.43 -13.30
CA GLU B 355 -28.82 3.56 -12.44
C GLU B 355 -29.03 3.14 -10.99
N ILE B 356 -28.31 3.79 -10.09
CA ILE B 356 -28.53 3.60 -8.66
C ILE B 356 -29.42 4.74 -8.18
N GLU B 357 -30.32 4.43 -7.27
CA GLU B 357 -31.36 5.38 -6.83
C GLU B 357 -30.77 6.63 -6.15
N HIS B 358 -29.59 6.50 -5.59
CA HIS B 358 -29.04 7.51 -4.70
C HIS B 358 -27.93 8.34 -5.34
N ALA B 359 -28.19 9.58 -5.72
CA ALA B 359 -27.07 10.47 -5.90
C ALA B 359 -26.33 10.32 -4.57
N VAL B 360 -25.03 10.03 -4.61
CA VAL B 360 -24.26 9.78 -3.40
C VAL B 360 -23.36 10.98 -3.09
N VAL B 361 -23.20 11.33 -1.83
CA VAL B 361 -22.36 12.47 -1.48
C VAL B 361 -20.91 12.08 -1.20
N PRO B 362 -20.00 13.07 -1.17
CA PRO B 362 -18.64 12.95 -0.65
C PRO B 362 -18.56 13.10 0.85
N PRO B 363 -17.51 12.52 1.47
CA PRO B 363 -17.03 12.86 2.83
C PRO B 363 -16.25 14.18 2.85
N LYS B 364 -16.41 14.99 3.90
CA LYS B 364 -15.71 16.27 3.98
C LYS B 364 -14.36 16.23 4.71
N TRP B 365 -14.04 15.09 5.33
CA TRP B 365 -12.79 14.95 6.08
C TRP B 365 -11.56 14.93 5.18
N SER B 366 -11.73 14.42 3.96
CA SER B 366 -10.66 14.36 2.96
C SER B 366 -10.38 15.77 2.44
N PHE B 367 -11.27 16.68 2.80
CA PHE B 367 -11.20 18.04 2.35
C PHE B 367 -11.26 18.99 3.55
N PRO B 368 -10.08 19.40 4.04
CA PRO B 368 -10.01 20.34 5.16
C PRO B 368 -10.85 21.60 4.88
N ASP B 369 -11.55 22.08 5.91
CA ASP B 369 -12.41 23.26 5.77
C ASP B 369 -11.71 24.43 5.05
N PHE B 370 -10.44 24.63 5.38
CA PHE B 370 -9.71 25.81 4.97
C PHE B 370 -9.21 25.65 3.56
N LEU B 371 -9.58 24.53 2.96
CA LEU B 371 -9.21 24.19 1.60
C LEU B 371 -10.29 24.54 0.60
N LEU B 372 -11.46 23.93 0.79
CA LEU B 372 -12.55 23.93 -0.19
C LEU B 372 -12.90 25.27 -0.86
N SER B 373 -12.87 26.36 -0.10
CA SER B 373 -13.25 27.67 -0.61
C SER B 373 -12.49 28.05 -1.87
N LYS B 374 -11.35 27.41 -2.10
CA LYS B 374 -10.57 27.63 -3.30
C LYS B 374 -11.07 26.81 -4.48
N PHE B 375 -11.54 25.59 -4.23
CA PHE B 375 -12.10 24.78 -5.30
C PHE B 375 -13.57 24.55 -5.08
N ARG B 376 -14.38 25.34 -5.78
CA ARG B 376 -15.79 25.38 -5.51
C ARG B 376 -16.52 24.26 -6.23
N ASN B 377 -15.91 23.76 -7.30
CA ASN B 377 -16.51 22.70 -8.09
C ASN B 377 -16.48 21.43 -7.28
N ILE B 378 -15.49 21.34 -6.40
CA ILE B 378 -15.45 20.25 -5.43
C ILE B 378 -16.54 20.49 -4.41
N GLU B 379 -16.51 21.69 -3.83
CA GLU B 379 -17.48 22.09 -2.83
C GLU B 379 -18.85 21.72 -3.38
N LYS B 380 -19.10 22.12 -4.62
CA LYS B 380 -20.31 21.77 -5.35
C LYS B 380 -20.62 20.28 -5.33
N LEU B 381 -19.61 19.46 -5.60
CA LEU B 381 -19.78 18.02 -5.70
C LEU B 381 -20.21 17.40 -4.38
N ILE B 382 -19.73 17.94 -3.26
CA ILE B 382 -20.20 17.47 -1.95
C ILE B 382 -21.72 17.67 -1.77
N ASP B 383 -22.21 18.86 -2.10
CA ASP B 383 -23.63 19.19 -2.02
C ASP B 383 -24.51 18.41 -3.02
N LYS B 384 -24.08 18.35 -4.28
CA LYS B 384 -24.80 17.57 -5.31
C LYS B 384 -24.49 16.03 -5.39
N GLY B 385 -23.24 15.65 -5.22
CA GLY B 385 -22.86 14.24 -5.23
C GLY B 385 -22.67 13.65 -6.61
N ILE B 386 -22.39 12.35 -6.65
CA ILE B 386 -22.15 11.64 -7.91
C ILE B 386 -23.35 10.75 -8.24
N HIS B 387 -23.54 10.46 -9.52
CA HIS B 387 -24.58 9.53 -9.91
C HIS B 387 -23.86 8.36 -10.51
N LEU B 388 -24.24 7.18 -10.05
CA LEU B 388 -23.58 5.95 -10.41
C LEU B 388 -24.57 5.09 -11.16
N ALA B 389 -24.08 4.37 -12.17
CA ALA B 389 -24.89 3.36 -12.84
C ALA B 389 -24.00 2.29 -13.41
N TYR B 390 -24.47 1.05 -13.35
CA TYR B 390 -23.80 -0.02 -14.06
C TYR B 390 -24.26 0.02 -15.51
N VAL B 391 -23.45 -0.53 -16.42
CA VAL B 391 -23.76 -0.49 -17.85
C VAL B 391 -23.20 -1.68 -18.61
N ARG B 392 -23.95 -2.21 -19.57
CA ARG B 392 -23.36 -3.22 -20.47
C ARG B 392 -23.55 -2.85 -21.93
N PHE B 393 -22.45 -2.63 -22.63
CA PHE B 393 -22.53 -2.13 -24.00
C PHE B 393 -22.92 -3.20 -25.00
N GLU B 394 -22.57 -4.45 -24.72
CA GLU B 394 -23.04 -5.54 -25.54
C GLU B 394 -23.31 -6.84 -24.77
N GLN B 395 -24.52 -7.41 -24.97
CA GLN B 395 -24.70 -8.86 -25.05
C GLN B 395 -23.94 -9.71 -24.01
N GLY B 396 -23.11 -10.62 -24.54
CA GLY B 396 -22.15 -11.39 -23.76
C GLY B 396 -20.82 -10.69 -23.50
N ASP B 397 -20.77 -9.38 -23.74
CA ASP B 397 -19.73 -8.51 -23.19
C ASP B 397 -20.24 -8.02 -21.84
N VAL B 398 -19.46 -7.22 -21.14
CA VAL B 398 -19.65 -7.10 -19.69
C VAL B 398 -20.06 -5.75 -19.16
N ILE B 399 -20.03 -5.68 -17.83
CA ILE B 399 -20.61 -4.59 -17.05
C ILE B 399 -19.59 -3.62 -16.49
N TYR B 400 -19.79 -2.34 -16.75
CA TYR B 400 -18.88 -1.30 -16.31
C TYR B 400 -19.55 -0.40 -15.29
N MET B 401 -18.75 0.23 -14.45
CA MET B 401 -19.28 1.18 -13.49
C MET B 401 -19.19 2.61 -14.01
N LEU B 402 -20.33 3.20 -14.31
CA LEU B 402 -20.36 4.59 -14.75
C LEU B 402 -20.68 5.55 -13.62
N GLN B 403 -19.90 6.63 -13.58
CA GLN B 403 -20.13 7.72 -12.66
C GLN B 403 -20.03 8.99 -13.46
N SER B 404 -20.69 10.03 -12.99
CA SER B 404 -20.67 11.26 -13.74
C SER B 404 -21.05 12.42 -12.86
N THR B 405 -20.68 13.61 -13.30
CA THR B 405 -21.04 14.80 -12.58
C THR B 405 -22.52 15.02 -12.78
N THR B 406 -22.92 15.05 -14.05
CA THR B 406 -24.31 15.18 -14.45
C THR B 406 -25.03 13.83 -14.32
N ASN B 407 -26.28 13.79 -14.81
CA ASN B 407 -27.14 12.60 -14.69
C ASN B 407 -26.87 11.51 -15.72
N ILE B 408 -27.10 10.26 -15.34
CA ILE B 408 -26.80 9.17 -16.24
C ILE B 408 -27.63 9.35 -17.51
N GLU B 409 -28.92 9.65 -17.34
CA GLU B 409 -29.80 9.83 -18.48
C GLU B 409 -29.19 10.81 -19.48
N LYS B 410 -28.68 11.94 -18.99
CA LYS B 410 -28.10 12.95 -19.87
C LYS B 410 -26.75 12.52 -20.43
N ILE B 411 -25.86 12.11 -19.54
CA ILE B 411 -24.46 11.83 -19.88
C ILE B 411 -24.29 10.61 -20.78
N LEU B 412 -25.16 9.62 -20.58
CA LEU B 412 -24.96 8.27 -21.13
C LEU B 412 -24.97 8.18 -22.66
N PRO B 413 -26.05 8.65 -23.27
CA PRO B 413 -26.14 8.56 -24.74
C PRO B 413 -24.95 9.27 -25.39
N LEU B 414 -24.55 10.41 -24.82
CA LEU B 414 -23.41 11.16 -25.34
C LEU B 414 -22.23 10.22 -25.54
N ILE B 415 -21.87 9.53 -24.47
CA ILE B 415 -20.83 8.51 -24.53
C ILE B 415 -21.10 7.57 -25.71
N LEU B 416 -22.37 7.20 -25.83
CA LEU B 416 -22.81 6.12 -26.71
C LEU B 416 -22.56 6.34 -28.20
N HIS B 417 -22.55 7.59 -28.65
CA HIS B 417 -22.24 7.89 -30.06
C HIS B 417 -20.96 7.16 -30.45
N HIS B 418 -20.05 7.00 -29.50
CA HIS B 418 -18.73 6.50 -29.80
C HIS B 418 -18.51 4.99 -29.66
N LYS B 419 -19.47 4.25 -29.12
CA LYS B 419 -19.26 2.81 -28.97
C LYS B 419 -18.83 2.16 -30.29
N ALA B 420 -17.73 1.43 -30.25
CA ALA B 420 -17.23 0.77 -31.45
C ALA B 420 -17.90 -0.58 -31.74
N GLY B 421 -18.30 -1.25 -30.67
CA GLY B 421 -18.25 -2.69 -30.59
C GLY B 421 -18.53 -3.03 -29.14
N GLY B 422 -17.89 -4.09 -28.67
CA GLY B 422 -17.99 -4.49 -27.28
C GLY B 422 -17.89 -3.29 -26.36
N TYR B 423 -17.08 -2.32 -26.73
CA TYR B 423 -17.23 -0.98 -26.17
C TYR B 423 -16.67 0.13 -27.05
N LEU B 424 -16.57 1.33 -26.48
CA LEU B 424 -16.17 2.53 -27.19
C LEU B 424 -14.77 2.48 -27.77
N ARG B 425 -14.58 3.15 -28.90
CA ARG B 425 -13.25 3.25 -29.49
C ARG B 425 -12.29 4.18 -28.72
N PRO B 426 -12.75 5.40 -28.38
CA PRO B 426 -11.71 6.35 -27.97
C PRO B 426 -11.05 5.92 -26.67
N LEU B 427 -11.84 5.38 -25.73
CA LEU B 427 -11.27 4.78 -24.53
C LEU B 427 -10.31 3.70 -24.96
N GLN B 428 -10.79 2.73 -25.74
CA GLN B 428 -9.91 1.66 -26.21
C GLN B 428 -8.59 2.21 -26.78
N LEU B 429 -8.67 3.34 -27.47
CA LEU B 429 -7.48 3.97 -28.02
C LEU B 429 -6.54 4.50 -26.93
N ALA B 430 -7.12 5.15 -25.92
CA ALA B 430 -6.33 5.74 -24.84
C ALA B 430 -5.69 4.62 -24.02
N HIS B 431 -6.50 3.65 -23.62
CA HIS B 431 -5.99 2.49 -22.94
C HIS B 431 -4.75 1.99 -23.72
N HIS B 432 -4.96 1.55 -24.97
CA HIS B 432 -3.87 0.97 -25.79
C HIS B 432 -2.65 1.85 -26.05
N GLY B 433 -2.87 3.13 -26.38
CA GLY B 433 -1.80 4.02 -26.81
C GLY B 433 -0.76 4.40 -25.76
N VAL B 434 -1.24 4.90 -24.62
CA VAL B 434 -0.38 5.26 -23.51
C VAL B 434 0.31 4.03 -22.87
N LYS B 435 -0.10 2.82 -23.25
CA LYS B 435 0.57 1.60 -22.76
C LYS B 435 2.06 1.66 -23.03
N ILE B 436 2.84 1.41 -22.00
CA ILE B 436 4.27 1.32 -22.14
C ILE B 436 4.67 -0.15 -22.13
N SER B 437 4.97 -0.69 -23.31
CA SER B 437 5.51 -2.02 -23.42
C SER B 437 7.01 -1.90 -23.45
N TYR B 438 7.45 -0.68 -23.68
CA TYR B 438 8.86 -0.36 -23.70
C TYR B 438 9.12 0.90 -22.90
N LYS B 439 9.88 0.73 -21.83
CA LYS B 439 10.32 1.84 -21.02
C LYS B 439 11.50 2.48 -21.75
N GLU B 440 11.36 3.76 -22.08
CA GLU B 440 12.43 4.53 -22.71
C GLU B 440 13.63 4.43 -21.81
N ALA B 441 13.43 4.97 -20.62
CA ALA B 441 14.45 5.13 -19.62
C ALA B 441 15.05 3.80 -19.26
N ARG B 442 14.44 2.75 -19.79
CA ARG B 442 14.93 1.39 -19.60
C ARG B 442 16.45 1.34 -19.83
N HIS B 443 16.87 1.48 -21.09
CA HIS B 443 18.30 1.60 -21.37
C HIS B 443 18.73 3.01 -21.06
N THR B 444 17.88 3.94 -21.47
CA THR B 444 18.23 5.34 -21.68
C THR B 444 18.75 6.16 -20.49
N LEU B 445 17.88 6.46 -19.53
CA LEU B 445 18.24 7.44 -18.51
C LEU B 445 19.57 7.10 -17.84
N GLU B 446 19.56 6.03 -17.05
CA GLU B 446 20.69 5.62 -16.24
C GLU B 446 21.99 5.54 -17.03
N ALA B 447 21.91 5.00 -18.25
CA ALA B 447 23.10 4.89 -19.09
C ALA B 447 23.72 6.26 -19.40
N LEU B 448 22.94 7.34 -19.29
CA LEU B 448 23.51 8.71 -19.39
C LEU B 448 23.84 9.28 -18.02
N ILE B 449 23.47 8.56 -16.96
CA ILE B 449 23.88 8.99 -15.62
C ILE B 449 25.20 8.31 -15.24
N ASN B 450 25.59 7.33 -16.04
CA ASN B 450 26.96 6.90 -16.07
C ASN B 450 27.78 8.16 -16.28
N ALA B 451 27.37 8.94 -17.28
CA ALA B 451 28.11 10.11 -17.73
C ALA B 451 28.38 11.17 -16.66
N LEU B 452 27.35 11.92 -16.27
CA LEU B 452 27.55 13.23 -15.62
C LEU B 452 28.61 13.25 -14.53
N ARG B 453 28.42 12.46 -13.47
CA ARG B 453 29.45 12.24 -12.47
C ARG B 453 29.60 10.76 -12.08
N ASN B 454 28.59 10.20 -11.42
CA ASN B 454 28.71 8.92 -10.72
C ASN B 454 27.88 7.73 -11.19
N ARG B 455 28.57 6.74 -11.70
CA ARG B 455 27.94 5.57 -12.27
C ARG B 455 27.62 4.44 -11.26
N ASP B 456 28.01 4.64 -9.99
CA ASP B 456 27.74 3.64 -8.94
C ASP B 456 26.28 3.48 -8.54
N PRO B 457 25.56 4.58 -8.24
CA PRO B 457 24.19 4.33 -7.84
C PRO B 457 23.54 3.62 -8.99
N ALA B 458 23.90 4.06 -10.20
CA ALA B 458 23.38 3.45 -11.41
C ALA B 458 23.64 1.93 -11.34
N LEU B 459 24.69 1.53 -10.63
CA LEU B 459 25.06 0.11 -10.60
C LEU B 459 23.91 -0.74 -10.09
N LYS B 460 23.66 -0.71 -8.79
CA LYS B 460 22.38 -1.16 -8.23
C LYS B 460 21.72 -2.45 -8.76
N ILE B 461 20.44 -2.29 -9.07
CA ILE B 461 19.45 -3.32 -9.40
C ILE B 461 19.61 -3.74 -10.87
#